data_9NK7
#
_entry.id   9NK7
#
_cell.length_a   1.00
_cell.length_b   1.00
_cell.length_c   1.00
_cell.angle_alpha   90.00
_cell.angle_beta   90.00
_cell.angle_gamma   90.00
#
_symmetry.space_group_name_H-M   'P 1'
#
loop_
_entity.id
_entity.type
_entity.pdbx_description
1 polymer Sam35
2 polymer Sam50
3 polymer Sam37
4 non-polymer ERGOSTEROL
#
loop_
_entity_poly.entity_id
_entity_poly.type
_entity_poly.pdbx_seq_one_letter_code
_entity_poly.pdbx_strand_id
1 'polypeptide(L)'
;MSASIPSAAPSWRKMQIPRPLQRLFDYFPLRIYEPNELPERSQQLTSGDLPTLYVFSTDSDARLGLPSFNPGCLKWQTLL
RLANLDFRILPSTNHSSPTGSLPFLLPPRTSPTASPAPIPASGLLSFARKNPWRPGKAADLDLGHLDADLPPRAQAYLAL
ITHSLRNAWLCALYLDPTHDALLRRLYVDPASSSRAVRAALLHQLRRAAAEQVATASSGGGKIVSLAPVDSADGIDEEAV
YRSARDALDALASLLRESETAWFFGTERPGSFDAALFSYTHLMVEYMSEEEDTESAKGRVSLGRMVKEAGNGELAEHRER
MLGVAWPEWDGYRR
;
A
2 'polypeptide(L)'
;MSHHHHHHHHHHGSENLYFQSASSLGFGGSNAVDKVNATTTPGTVATPNSGPTKMLDEHILTPASISTLEVHGATNTRRS
LLDQIFKPVLEDTAAAGTTLGQVLDRVGAATKKLARFDIFKEEGFGVFLSEAAPPQSAPPTDRTDLDISIRVKEKSRLVF
SAGTDFGNAEGSAYTNAVVRNIFGGAETLTVNASTGTRTRSAYNATFSTPINGNPDLRLSVEALRSATQKPWASHEEHLT
GANLRLAWLTEKGDTHALAYSSVWRQLTGLAPTASPTVRADAGDSLKSSLTHTFTRDRRDNPMLPQSGYLFRSVSELAGW
GPLNGDVSFAKTEVEASGALPVAIPGLAGKSGVSVGGGLRLGVLYPLPLGYSLTGAAQPSRINDRFQLGGPNDVRGFKIG
GLGPHDGVDAVGGDVFAAGSVNALLPLPRTGPDSPLRLQLYANAGRLVALNSKGTDKEGKEGLAMDSAAVFKGVKSAVGK
LTNGIPSLAAGVGLVYAHPVARFELNFSLPLVLRRGEEGRKGLQVGVGISFL
;
B
3 'polypeptide(L)'
;MSSAWSHPQFEKGGGSGGGSGGSAWSHPQFEKENLYFQGGAVQLHVWGPAFGLPSIDAECLAAIAYLAQTLGSADYQLIQ
SSPSAVPTQHLPTLYDSRTSTWIGGFTSITAHLHTHPPPTFQSAPQPTDGSSSTTTTTTTTTTAASATADGTAYTAFLSA
HAAPLLALSLYVSSANYGAATRPAYSAVLPLPLPWTEPPAVRAAMARRAAHLGLSSLDADAAAERARAEERRAAADGWVA
VPPHATAGRAAGGGGGGGGGGGKGGGVAAVLTPEQKSRIRLEEAAREVLDVLAEVDWAAGGGGRQVAAEVRCLAFGYLAL
MLLPDVPRPWLREIMEGRYPALCTFVRDFRARVFPQGGKLLPWADGGAQASASASASASAVALRFVRAVMAEVPLVGEWW
SRWWTARKKREVLASKGAKPAPSNDLLLLLGAGLGLTVVGAGVFFYRGLPPFGEAVQVWRKPVVGLSSFGAAGAMFSGAL
YGLD
;
C
#
loop_
_chem_comp.id
_chem_comp.type
_chem_comp.name
_chem_comp.formula
ERG non-polymer ERGOSTEROL 'C28 H44 O'
#
# COMPACT_ATOMS: atom_id res chain seq x y z
N ILE A 17 10.87 1.44 -47.11
CA ILE A 17 9.60 2.00 -46.67
C ILE A 17 9.75 3.12 -45.62
N PRO A 18 10.60 2.93 -44.60
CA PRO A 18 10.86 4.06 -43.68
C PRO A 18 11.50 5.26 -44.35
N ARG A 19 12.34 5.04 -45.37
CA ARG A 19 13.08 6.15 -45.98
C ARG A 19 12.17 7.18 -46.66
N PRO A 20 11.20 6.81 -47.49
CA PRO A 20 10.43 7.87 -48.18
C PRO A 20 9.61 8.75 -47.26
N LEU A 21 8.79 8.17 -46.39
CA LEU A 21 7.86 8.96 -45.60
C LEU A 21 8.53 9.74 -44.47
N GLN A 22 9.77 9.42 -44.12
CA GLN A 22 10.46 10.16 -43.07
C GLN A 22 10.70 11.61 -43.45
N ARG A 23 10.77 11.93 -44.74
CA ARG A 23 10.90 13.31 -45.16
C ARG A 23 9.64 14.12 -44.92
N LEU A 24 8.50 13.46 -44.66
CA LEU A 24 7.25 14.13 -44.36
C LEU A 24 6.97 14.23 -42.87
N PHE A 25 7.18 13.14 -42.13
CA PHE A 25 6.99 13.18 -40.67
C PHE A 25 7.95 14.14 -40.00
N ASP A 26 9.15 14.29 -40.56
CA ASP A 26 10.13 15.19 -39.94
C ASP A 26 9.80 16.65 -40.17
N TYR A 27 9.11 16.98 -41.28
CA TYR A 27 8.75 18.37 -41.55
C TYR A 27 7.80 18.89 -40.49
N PHE A 28 6.81 18.09 -40.12
CA PHE A 28 5.91 18.45 -39.03
C PHE A 28 6.58 18.13 -37.69
N PRO A 29 6.26 18.90 -36.64
CA PRO A 29 5.32 20.03 -36.56
C PRO A 29 5.84 21.29 -37.25
N LEU A 30 4.95 22.25 -37.52
CA LEU A 30 5.32 23.47 -38.22
C LEU A 30 5.84 24.56 -37.28
N ARG A 31 5.20 24.73 -36.13
CA ARG A 31 5.58 25.76 -35.17
C ARG A 31 5.79 25.13 -33.81
N ILE A 32 6.90 25.46 -33.16
CA ILE A 32 7.22 24.97 -31.83
C ILE A 32 7.43 26.17 -30.92
N TYR A 33 6.72 26.18 -29.80
CA TYR A 33 6.81 27.25 -28.82
C TYR A 33 7.70 26.84 -27.66
N GLU A 34 7.97 27.80 -26.79
CA GLU A 34 8.73 27.52 -25.58
C GLU A 34 7.89 26.65 -24.64
N PRO A 35 8.54 25.83 -23.82
CA PRO A 35 7.79 24.89 -22.96
C PRO A 35 6.90 25.62 -21.97
N ASN A 36 5.79 24.98 -21.63
CA ASN A 36 4.87 25.52 -20.63
C ASN A 36 5.55 25.57 -19.28
N GLU A 37 5.26 26.61 -18.51
CA GLU A 37 5.84 26.77 -17.19
C GLU A 37 5.26 25.74 -16.23
N LEU A 38 6.10 25.30 -15.29
CA LEU A 38 5.70 24.31 -14.32
C LEU A 38 4.72 24.92 -13.31
N PRO A 39 3.94 24.09 -12.63
CA PRO A 39 2.99 24.62 -11.63
C PRO A 39 3.70 25.34 -10.50
N GLU A 40 2.92 26.10 -9.73
CA GLU A 40 3.49 26.90 -8.66
C GLU A 40 4.12 26.04 -7.59
N ARG A 41 3.48 24.93 -7.23
CA ARG A 41 4.04 24.04 -6.21
C ARG A 41 5.36 23.44 -6.68
N SER A 42 5.42 23.01 -7.95
CA SER A 42 6.66 22.48 -8.49
C SER A 42 7.76 23.53 -8.51
N GLN A 43 7.42 24.75 -8.92
CA GLN A 43 8.42 25.82 -8.97
C GLN A 43 8.92 26.19 -7.59
N GLN A 44 8.04 26.11 -6.57
CA GLN A 44 8.46 26.45 -5.22
C GLN A 44 9.30 25.36 -4.59
N LEU A 45 8.98 24.09 -4.87
CA LEU A 45 9.66 23.00 -4.18
C LEU A 45 10.90 22.51 -4.91
N THR A 46 10.78 22.24 -6.22
CA THR A 46 11.85 21.56 -6.94
C THR A 46 12.91 22.49 -7.50
N SER A 47 12.78 23.80 -7.29
CA SER A 47 13.76 24.76 -7.80
C SER A 47 14.74 25.13 -6.71
N GLY A 48 16.02 24.92 -6.97
CA GLY A 48 17.06 25.24 -6.01
C GLY A 48 18.42 25.23 -6.66
N ASP A 49 19.34 25.98 -6.07
CA ASP A 49 20.70 26.10 -6.58
C ASP A 49 21.66 25.10 -5.95
N LEU A 50 21.21 24.32 -4.97
CA LEU A 50 22.05 23.35 -4.30
C LEU A 50 21.39 21.98 -4.34
N PRO A 51 22.16 20.91 -4.28
CA PRO A 51 21.57 19.58 -4.16
C PRO A 51 20.75 19.48 -2.88
N THR A 52 19.60 18.83 -2.99
CA THR A 52 18.66 18.71 -1.88
C THR A 52 18.61 17.26 -1.43
N LEU A 53 18.87 17.04 -0.14
CA LEU A 53 18.75 15.72 0.48
C LEU A 53 17.39 15.64 1.14
N TYR A 54 16.58 14.67 0.71
CA TYR A 54 15.21 14.53 1.22
C TYR A 54 15.21 13.58 2.40
N VAL A 55 14.88 14.10 3.57
CA VAL A 55 14.95 13.36 4.82
C VAL A 55 13.62 13.51 5.56
N PHE A 56 13.50 12.78 6.67
CA PHE A 56 12.37 12.90 7.57
C PHE A 56 12.65 14.04 8.54
N SER A 57 12.05 15.20 8.31
CA SER A 57 12.25 16.35 9.18
C SER A 57 11.00 17.21 9.14
N THR A 58 11.06 18.32 9.86
CA THR A 58 9.99 19.32 9.91
C THR A 58 10.37 20.53 9.09
N ASP A 59 9.37 21.34 8.76
CA ASP A 59 9.62 22.54 7.95
C ASP A 59 10.54 23.51 8.66
N SER A 60 10.35 23.69 9.98
CA SER A 60 11.20 24.60 10.73
C SER A 60 12.62 24.04 10.85
N ASP A 61 12.75 22.74 11.09
CA ASP A 61 14.08 22.14 11.21
C ASP A 61 14.81 22.16 9.87
N ALA A 62 14.11 21.87 8.78
CA ALA A 62 14.76 21.80 7.47
C ALA A 62 15.29 23.17 7.03
N ARG A 63 14.66 24.25 7.49
CA ARG A 63 15.15 25.59 7.12
C ARG A 63 16.54 25.83 7.67
N LEU A 64 16.81 25.37 8.89
CA LEU A 64 18.12 25.52 9.51
C LEU A 64 19.03 24.32 9.27
N GLY A 65 18.55 23.30 8.57
CA GLY A 65 19.36 22.11 8.34
C GLY A 65 19.66 21.32 9.60
N LEU A 66 18.73 21.28 10.54
CA LEU A 66 18.93 20.58 11.80
C LEU A 66 18.83 19.07 11.57
N PRO A 67 19.40 18.27 12.49
CA PRO A 67 19.38 16.81 12.30
C PRO A 67 17.97 16.25 12.19
N SER A 68 17.82 15.27 11.30
CA SER A 68 16.53 14.61 11.12
C SER A 68 16.22 13.72 12.32
N PHE A 69 14.93 13.41 12.47
CA PHE A 69 14.49 12.53 13.55
C PHE A 69 14.41 11.08 13.12
N ASN A 70 14.75 10.75 11.88
CA ASN A 70 14.85 9.38 11.42
C ASN A 70 16.32 8.98 11.45
N PRO A 71 16.69 7.92 12.18
CA PRO A 71 18.13 7.57 12.23
C PRO A 71 18.73 7.22 10.89
N GLY A 72 17.97 6.57 10.01
CA GLY A 72 18.49 6.23 8.70
C GLY A 72 18.84 7.44 7.87
N CYS A 73 17.98 8.47 7.92
CA CYS A 73 18.28 9.71 7.21
C CYS A 73 19.37 10.50 7.91
N LEU A 74 19.40 10.43 9.25
CA LEU A 74 20.37 11.20 10.02
C LEU A 74 21.79 10.70 9.78
N LYS A 75 21.96 9.39 9.64
CA LYS A 75 23.30 8.85 9.38
C LYS A 75 23.87 9.40 8.08
N TRP A 76 23.07 9.38 7.02
CA TRP A 76 23.54 9.86 5.72
C TRP A 76 23.70 11.38 5.72
N GLN A 77 22.81 12.10 6.41
CA GLN A 77 22.98 13.55 6.52
C GLN A 77 24.26 13.90 7.24
N THR A 78 24.58 13.18 8.32
CA THR A 78 25.83 13.40 9.04
C THR A 78 27.03 13.09 8.16
N LEU A 79 26.95 12.00 7.39
CA LEU A 79 28.06 11.65 6.50
C LEU A 79 28.26 12.73 5.44
N LEU A 80 27.16 13.25 4.88
CA LEU A 80 27.28 14.31 3.88
C LEU A 80 27.85 15.58 4.48
N ARG A 81 27.45 15.91 5.72
CA ARG A 81 28.00 17.09 6.37
C ARG A 81 29.48 16.92 6.71
N LEU A 82 29.90 15.69 7.02
CA LEU A 82 31.32 15.43 7.21
C LEU A 82 32.07 15.39 5.89
N ALA A 83 31.35 15.22 4.78
CA ALA A 83 31.99 15.13 3.45
C ALA A 83 32.19 16.51 2.83
N ASN A 84 31.77 17.57 3.52
CA ASN A 84 32.01 18.96 3.04
C ASN A 84 31.00 19.34 1.95
N LEU A 85 30.09 18.43 1.59
CA LEU A 85 29.16 18.72 0.48
C LEU A 85 28.22 19.86 0.87
N ASP A 86 28.13 20.91 0.07
CA ASP A 86 27.17 21.99 0.30
C ASP A 86 25.81 21.56 -0.21
N PHE A 87 24.85 21.42 0.70
CA PHE A 87 23.54 20.90 0.34
C PHE A 87 22.51 21.42 1.34
N ARG A 88 21.24 21.23 0.98
CA ARG A 88 20.12 21.59 1.83
C ARG A 88 19.23 20.36 2.01
N ILE A 89 18.43 20.37 3.08
CA ILE A 89 17.54 19.26 3.39
C ILE A 89 16.10 19.75 3.32
N LEU A 90 15.21 18.88 2.86
CA LEU A 90 13.79 19.15 2.79
C LEU A 90 13.01 17.98 3.37
N PRO A 91 11.91 18.23 4.07
CA PRO A 91 11.08 17.12 4.55
C PRO A 91 10.47 16.37 3.38
N SER A 92 10.33 15.06 3.54
CA SER A 92 9.82 14.22 2.48
C SER A 92 9.17 12.98 3.09
N THR A 93 8.87 12.00 2.24
CA THR A 93 8.23 10.77 2.67
C THR A 93 8.85 9.61 1.90
N ASN A 94 8.62 8.40 2.40
CA ASN A 94 9.21 7.21 1.79
C ASN A 94 8.66 6.96 0.40
N HIS A 95 7.49 7.48 0.06
CA HIS A 95 6.89 7.20 -1.23
C HIS A 95 7.64 7.90 -2.36
N SER A 96 8.33 9.00 -2.06
CA SER A 96 9.03 9.76 -3.08
C SER A 96 10.43 9.23 -3.38
N SER A 97 10.95 8.32 -2.56
CA SER A 97 12.31 7.86 -2.75
C SER A 97 12.39 6.92 -3.96
N PRO A 98 13.47 6.99 -4.73
CA PRO A 98 13.63 6.04 -5.84
C PRO A 98 13.71 4.59 -5.40
N THR A 99 14.21 4.34 -4.20
CA THR A 99 14.33 3.00 -3.67
C THR A 99 13.24 2.66 -2.65
N GLY A 100 12.23 3.51 -2.52
CA GLY A 100 11.15 3.25 -1.60
C GLY A 100 11.44 3.58 -0.15
N SER A 101 12.59 4.18 0.14
CA SER A 101 12.95 4.53 1.51
C SER A 101 13.87 5.74 1.49
N LEU A 102 13.62 6.67 2.40
CA LEU A 102 14.48 7.84 2.54
C LEU A 102 15.82 7.42 3.15
N PRO A 103 16.89 8.21 2.93
CA PRO A 103 16.96 9.47 2.18
C PRO A 103 17.43 9.30 0.75
N PHE A 104 17.27 10.35 -0.06
CA PHE A 104 17.82 10.41 -1.40
C PHE A 104 18.09 11.86 -1.74
N LEU A 105 18.94 12.07 -2.74
CA LEU A 105 19.40 13.40 -3.10
C LEU A 105 18.99 13.73 -4.53
N LEU A 106 18.47 14.94 -4.71
CA LEU A 106 18.13 15.45 -6.04
C LEU A 106 19.09 16.56 -6.41
N PRO A 107 19.98 16.37 -7.37
CA PRO A 107 20.88 17.45 -7.78
C PRO A 107 20.11 18.60 -8.40
N PRO A 108 20.67 19.81 -8.38
CA PRO A 108 19.91 20.97 -8.87
C PRO A 108 19.58 20.85 -10.34
N ARG A 109 18.45 21.46 -10.72
CA ARG A 109 17.99 21.42 -12.09
C ARG A 109 19.00 22.07 -13.03
N THR A 110 19.34 21.37 -14.11
CA THR A 110 20.12 21.98 -15.18
C THR A 110 19.26 22.88 -16.05
N SER A 111 18.00 22.52 -16.24
CA SER A 111 17.02 23.26 -17.03
C SER A 111 15.76 23.42 -16.20
N PRO A 112 14.97 24.46 -16.47
CA PRO A 112 13.74 24.66 -15.69
C PRO A 112 12.75 23.52 -15.82
N THR A 113 12.85 22.68 -16.85
CA THR A 113 11.95 21.55 -17.02
C THR A 113 12.69 20.22 -17.10
N ALA A 114 13.98 20.18 -16.75
CA ALA A 114 14.76 18.96 -16.78
C ALA A 114 15.64 18.89 -15.54
N SER A 115 15.74 17.70 -14.96
CA SER A 115 16.54 17.47 -13.77
C SER A 115 17.31 16.18 -13.91
N PRO A 116 18.50 16.08 -13.32
CA PRO A 116 19.26 14.84 -13.36
C PRO A 116 18.63 13.78 -12.46
N ALA A 117 19.10 12.55 -12.64
CA ALA A 117 18.52 11.42 -11.93
C ALA A 117 18.80 11.52 -10.42
N PRO A 118 17.87 11.04 -9.60
CA PRO A 118 18.08 11.08 -8.15
C PRO A 118 19.22 10.18 -7.71
N ILE A 119 19.86 10.56 -6.62
CA ILE A 119 21.00 9.84 -6.06
C ILE A 119 20.53 9.08 -4.83
N PRO A 120 20.57 7.76 -4.83
CA PRO A 120 20.13 7.00 -3.66
C PRO A 120 21.16 7.05 -2.54
N ALA A 121 20.80 6.46 -1.39
CA ALA A 121 21.68 6.49 -0.23
C ALA A 121 23.00 5.79 -0.51
N SER A 122 22.98 4.73 -1.32
CA SER A 122 24.22 4.04 -1.67
C SER A 122 25.17 4.95 -2.44
N GLY A 123 24.63 5.74 -3.36
CA GLY A 123 25.43 6.65 -4.15
C GLY A 123 25.63 8.03 -3.58
N LEU A 124 25.11 8.28 -2.38
CA LEU A 124 25.29 9.59 -1.76
C LEU A 124 26.77 9.94 -1.61
N LEU A 125 27.56 9.03 -1.03
CA LEU A 125 28.97 9.31 -0.79
C LEU A 125 29.73 9.49 -2.11
N SER A 126 29.40 8.68 -3.12
CA SER A 126 30.04 8.84 -4.42
C SER A 126 29.71 10.19 -5.04
N PHE A 127 28.45 10.64 -4.90
CA PHE A 127 28.08 11.96 -5.41
C PHE A 127 28.84 13.05 -4.68
N ALA A 128 28.98 12.92 -3.36
CA ALA A 128 29.66 13.95 -2.57
C ALA A 128 31.12 14.09 -2.93
N ARG A 129 31.72 13.06 -3.53
CA ARG A 129 33.12 13.12 -3.92
C ARG A 129 33.32 13.95 -5.19
N LYS A 130 32.34 13.96 -6.09
CA LYS A 130 32.49 14.65 -7.37
C LYS A 130 32.31 16.16 -7.26
N ASN A 131 31.72 16.65 -6.16
CA ASN A 131 31.43 18.07 -5.98
C ASN A 131 32.07 18.54 -4.68
N PRO A 132 33.39 18.85 -4.65
CA PRO A 132 34.05 19.22 -3.41
C PRO A 132 33.87 20.69 -3.08
N TRP A 133 32.72 21.04 -2.49
CA TRP A 133 32.45 22.44 -2.09
C TRP A 133 33.76 23.13 -1.70
N LEU A 141 36.88 15.36 -2.10
CA LEU A 141 38.31 15.28 -1.83
C LEU A 141 38.71 13.85 -1.49
N ASP A 142 39.42 13.68 -0.37
CA ASP A 142 39.85 12.38 0.11
C ASP A 142 38.81 11.88 1.11
N LEU A 143 37.72 11.33 0.58
CA LEU A 143 36.60 10.84 1.39
C LEU A 143 36.73 9.36 1.72
N GLY A 144 37.95 8.85 1.82
CA GLY A 144 38.14 7.43 2.10
C GLY A 144 37.63 7.03 3.47
N HIS A 145 37.83 7.90 4.47
CA HIS A 145 37.45 7.57 5.83
C HIS A 145 35.95 7.39 6.00
N LEU A 146 35.14 8.01 5.15
CA LEU A 146 33.69 7.93 5.27
C LEU A 146 33.11 6.66 4.65
N ASP A 147 33.89 5.93 3.84
CA ASP A 147 33.39 4.70 3.24
C ASP A 147 34.43 3.58 3.25
N ALA A 148 35.46 3.70 4.08
CA ALA A 148 36.49 2.67 4.15
C ALA A 148 35.92 1.38 4.73
N ASP A 149 36.43 0.26 4.24
CA ASP A 149 36.02 -1.04 4.76
C ASP A 149 36.53 -1.22 6.18
N LEU A 150 35.64 -1.68 7.07
CA LEU A 150 35.99 -1.84 8.47
C LEU A 150 36.70 -3.17 8.71
N PRO A 151 37.54 -3.24 9.73
CA PRO A 151 38.10 -4.54 10.14
C PRO A 151 37.00 -5.47 10.62
N PRO A 152 37.25 -6.79 10.62
CA PRO A 152 36.18 -7.71 11.04
C PRO A 152 35.66 -7.48 12.44
N ARG A 153 36.53 -7.11 13.39
CA ARG A 153 36.05 -6.76 14.72
C ARG A 153 35.17 -5.53 14.67
N ALA A 154 35.51 -4.56 13.83
CA ALA A 154 34.68 -3.39 13.66
C ALA A 154 33.32 -3.76 13.07
N GLN A 155 33.29 -4.74 12.16
CA GLN A 155 32.01 -5.23 11.63
C GLN A 155 31.18 -5.89 12.72
N ALA A 156 31.84 -6.67 13.57
CA ALA A 156 31.13 -7.31 14.68
C ALA A 156 30.52 -6.27 15.60
N TYR A 157 31.26 -5.18 15.87
CA TYR A 157 30.72 -4.12 16.72
C TYR A 157 29.66 -3.30 16.00
N LEU A 158 29.78 -3.13 14.69
CA LEU A 158 28.76 -2.42 13.93
C LEU A 158 27.45 -3.20 13.90
N ALA A 159 27.54 -4.53 14.02
CA ALA A 159 26.33 -5.33 14.15
C ALA A 159 25.51 -4.88 15.36
N LEU A 160 26.17 -4.48 16.44
CA LEU A 160 25.46 -3.96 17.61
C LEU A 160 24.63 -2.74 17.22
N ILE A 161 25.25 -1.75 16.59
CA ILE A 161 24.54 -0.53 16.22
C ILE A 161 23.41 -0.83 15.26
N THR A 162 23.67 -1.66 14.25
CA THR A 162 22.70 -1.84 13.19
C THR A 162 21.58 -2.80 13.56
N HIS A 163 21.73 -3.59 14.61
CA HIS A 163 20.64 -4.48 15.02
C HIS A 163 20.10 -4.16 16.40
N SER A 164 20.92 -4.16 17.46
CA SER A 164 20.39 -4.00 18.81
C SER A 164 19.82 -2.60 19.01
N LEU A 165 20.61 -1.57 18.67
CA LEU A 165 20.14 -0.20 18.84
C LEU A 165 18.96 0.08 17.93
N ARG A 166 18.99 -0.40 16.70
CA ARG A 166 17.87 -0.18 15.78
C ARG A 166 16.59 -0.82 16.30
N ASN A 167 16.68 -2.06 16.80
CA ASN A 167 15.50 -2.73 17.33
C ASN A 167 14.97 -2.02 18.56
N ALA A 168 15.87 -1.57 19.44
CA ALA A 168 15.42 -0.83 20.62
C ALA A 168 14.73 0.46 20.23
N TRP A 169 15.30 1.20 19.27
CA TRP A 169 14.69 2.45 18.82
C TRP A 169 13.32 2.19 18.22
N LEU A 170 13.21 1.17 17.35
CA LEU A 170 11.94 0.87 16.71
C LEU A 170 10.89 0.48 17.74
N CYS A 171 11.26 -0.39 18.69
CA CYS A 171 10.31 -0.82 19.71
C CYS A 171 9.84 0.37 20.53
N ALA A 172 10.78 1.15 21.08
CA ALA A 172 10.41 2.25 21.95
C ALA A 172 9.59 3.30 21.21
N LEU A 173 9.91 3.56 19.94
CA LEU A 173 9.20 4.61 19.21
C LEU A 173 7.80 4.16 18.81
N TYR A 174 7.65 2.92 18.33
CA TYR A 174 6.40 2.48 17.73
C TYR A 174 5.53 1.67 18.69
N LEU A 175 6.08 0.59 19.25
CA LEU A 175 5.26 -0.33 20.01
C LEU A 175 5.07 0.09 21.47
N ASP A 176 5.70 1.17 21.89
CA ASP A 176 5.55 1.65 23.26
C ASP A 176 4.44 2.68 23.33
N PRO A 177 3.37 2.44 24.08
CA PRO A 177 2.31 3.45 24.19
C PRO A 177 2.76 4.75 24.81
N THR A 178 3.89 4.76 25.53
CA THR A 178 4.39 6.01 26.11
C THR A 178 4.74 7.02 25.04
N HIS A 179 5.37 6.58 23.96
CA HIS A 179 5.79 7.45 22.87
C HIS A 179 4.73 7.58 21.78
N ASP A 180 3.46 7.33 22.11
CA ASP A 180 2.42 7.43 21.08
C ASP A 180 2.28 8.84 20.56
N ALA A 181 2.29 9.83 21.45
CA ALA A 181 2.16 11.22 21.03
C ALA A 181 3.36 11.64 20.18
N LEU A 182 4.57 11.24 20.58
CA LEU A 182 5.75 11.58 19.82
C LEU A 182 5.72 10.94 18.43
N LEU A 183 5.32 9.68 18.36
CA LEU A 183 5.22 9.01 17.06
C LEU A 183 4.20 9.68 16.16
N ARG A 184 3.03 10.01 16.72
CA ARG A 184 2.01 10.71 15.94
C ARG A 184 2.54 12.04 15.41
N ARG A 185 3.14 12.85 16.29
CA ARG A 185 3.63 14.17 15.89
C ARG A 185 4.71 14.06 14.84
N LEU A 186 5.60 13.06 14.97
CA LEU A 186 6.72 12.95 14.04
C LEU A 186 6.29 12.39 12.69
N TYR A 187 5.33 11.47 12.65
CA TYR A 187 5.09 10.74 11.41
C TYR A 187 3.69 10.87 10.85
N VAL A 188 2.65 10.86 11.68
CA VAL A 188 1.30 10.74 11.14
C VAL A 188 0.62 12.11 11.05
N ASP A 189 0.96 13.03 11.95
CA ASP A 189 0.36 14.36 11.88
C ASP A 189 0.74 15.13 10.63
N PRO A 190 2.03 15.22 10.24
CA PRO A 190 2.34 15.94 8.99
C PRO A 190 1.84 15.24 7.74
N ALA A 191 1.50 13.96 7.81
CA ALA A 191 1.09 13.24 6.61
C ALA A 191 -0.30 13.67 6.15
N SER A 192 -1.24 13.78 7.08
CA SER A 192 -2.60 14.17 6.72
C SER A 192 -3.28 14.76 7.94
N SER A 193 -4.33 15.55 7.69
CA SER A 193 -5.14 16.14 8.74
C SER A 193 -6.40 15.35 9.02
N SER A 194 -6.62 14.24 8.33
CA SER A 194 -7.81 13.43 8.51
C SER A 194 -7.57 12.39 9.60
N ARG A 195 -8.52 12.28 10.52
CA ARG A 195 -8.36 11.35 11.64
C ARG A 195 -8.30 9.90 11.15
N ALA A 196 -9.15 9.54 10.19
CA ALA A 196 -9.15 8.17 9.68
C ALA A 196 -7.85 7.84 8.96
N VAL A 197 -7.36 8.76 8.14
CA VAL A 197 -6.11 8.53 7.44
C VAL A 197 -4.95 8.43 8.42
N ARG A 198 -4.95 9.29 9.44
CA ARG A 198 -3.91 9.23 10.47
C ARG A 198 -3.93 7.89 11.19
N ALA A 199 -5.13 7.40 11.55
CA ALA A 199 -5.23 6.12 12.23
C ALA A 199 -4.74 4.98 11.34
N ALA A 200 -5.10 5.00 10.06
CA ALA A 200 -4.65 3.95 9.15
C ALA A 200 -3.14 3.97 9.01
N LEU A 201 -2.56 5.17 8.85
CA LEU A 201 -1.11 5.27 8.70
C LEU A 201 -0.40 4.81 9.96
N LEU A 202 -0.93 5.17 11.13
CA LEU A 202 -0.36 4.68 12.39
C LEU A 202 -0.40 3.17 12.47
N HIS A 203 -1.52 2.58 12.05
CA HIS A 203 -1.65 1.12 12.10
C HIS A 203 -0.61 0.45 11.19
N GLN A 204 -0.46 0.93 9.95
CA GLN A 204 0.54 0.33 9.07
C GLN A 204 1.96 0.56 9.57
N LEU A 205 2.23 1.75 10.13
CA LEU A 205 3.56 2.02 10.68
C LEU A 205 3.89 1.06 11.80
N ARG A 206 2.94 0.84 12.73
CA ARG A 206 3.17 -0.08 13.82
C ARG A 206 3.35 -1.51 13.32
N ARG A 207 2.55 -1.91 12.32
CA ARG A 207 2.70 -3.25 11.75
C ARG A 207 4.09 -3.44 11.17
N ALA A 208 4.55 -2.46 10.38
CA ALA A 208 5.87 -2.57 9.76
C ALA A 208 6.97 -2.62 10.80
N ALA A 209 6.90 -1.74 11.81
CA ALA A 209 7.93 -1.71 12.83
C ALA A 209 7.97 -3.02 13.61
N ALA A 210 6.80 -3.57 13.95
CA ALA A 210 6.76 -4.85 14.65
C ALA A 210 7.33 -5.95 13.77
N GLU A 211 7.08 -5.88 12.45
CA GLU A 211 7.63 -6.88 11.54
C GLU A 211 9.15 -6.83 11.53
N GLN A 212 9.73 -5.65 11.47
CA GLN A 212 11.19 -5.55 11.50
C GLN A 212 11.76 -6.02 12.83
N VAL A 213 11.12 -5.63 13.95
CA VAL A 213 11.66 -5.98 15.25
C VAL A 213 11.58 -7.48 15.49
N ALA A 214 10.50 -8.11 15.03
CA ALA A 214 10.33 -9.55 15.25
C ALA A 214 11.42 -10.37 14.58
N THR A 215 12.00 -9.85 13.49
CA THR A 215 13.10 -10.53 12.80
C THR A 215 14.41 -10.24 13.54
N ALA A 216 14.51 -10.81 14.75
CA ALA A 216 15.67 -10.61 15.60
C ALA A 216 15.69 -11.73 16.63
N SER A 217 16.85 -12.38 16.78
CA SER A 217 16.95 -13.48 17.74
C SER A 217 16.73 -13.02 19.17
N SER A 218 17.11 -11.78 19.47
CA SER A 218 16.86 -11.18 20.78
C SER A 218 15.59 -10.36 20.71
N GLY A 219 14.61 -10.71 21.55
CA GLY A 219 13.33 -10.03 21.53
C GLY A 219 12.41 -10.43 20.41
N GLY A 220 12.62 -11.59 19.82
CA GLY A 220 11.78 -12.02 18.71
C GLY A 220 12.06 -13.45 18.35
N GLY A 221 11.67 -13.81 17.12
CA GLY A 221 11.82 -15.17 16.65
C GLY A 221 10.68 -16.10 16.96
N LYS A 222 9.50 -15.55 17.28
CA LYS A 222 8.34 -16.39 17.56
C LYS A 222 7.77 -16.97 16.26
N ILE A 223 7.40 -18.24 16.31
CA ILE A 223 6.78 -18.92 15.18
C ILE A 223 5.30 -19.06 15.50
N VAL A 224 4.47 -18.22 14.89
CA VAL A 224 3.04 -18.22 15.13
C VAL A 224 2.25 -18.69 13.91
N SER A 225 2.73 -18.39 12.71
CA SER A 225 2.04 -18.78 11.49
C SER A 225 3.04 -18.71 10.34
N LEU A 226 2.52 -18.77 9.11
CA LEU A 226 3.34 -18.59 7.92
C LEU A 226 3.57 -17.12 7.58
N ALA A 227 2.95 -16.20 8.33
CA ALA A 227 3.11 -14.79 8.13
C ALA A 227 3.95 -14.19 9.25
N PRO A 228 4.70 -13.12 8.98
CA PRO A 228 5.54 -12.53 10.02
C PRO A 228 4.71 -11.90 11.13
N VAL A 229 5.30 -11.86 12.32
CA VAL A 229 4.65 -11.23 13.46
C VAL A 229 4.56 -9.73 13.21
N ASP A 230 3.36 -9.18 13.38
CA ASP A 230 3.09 -7.78 13.08
C ASP A 230 2.37 -7.10 14.24
N SER A 231 2.77 -7.43 15.46
CA SER A 231 2.15 -6.85 16.64
C SER A 231 3.16 -6.79 17.76
N ALA A 232 2.90 -5.90 18.73
CA ALA A 232 3.79 -5.74 19.87
C ALA A 232 3.73 -6.91 20.83
N ASP A 233 2.75 -7.81 20.68
CA ASP A 233 2.62 -8.95 21.57
C ASP A 233 3.48 -10.14 21.14
N GLY A 234 4.07 -10.09 19.96
CA GLY A 234 4.97 -11.15 19.52
C GLY A 234 6.43 -10.77 19.67
N ILE A 235 6.70 -9.77 20.51
CA ILE A 235 8.03 -9.20 20.67
C ILE A 235 8.35 -9.11 22.16
N ASP A 236 9.56 -9.51 22.52
CA ASP A 236 10.02 -9.47 23.90
C ASP A 236 10.67 -8.11 24.17
N GLU A 237 9.90 -7.20 24.76
CA GLU A 237 10.42 -5.86 25.03
C GLU A 237 11.56 -5.91 26.04
N GLU A 238 11.45 -6.77 27.05
CA GLU A 238 12.54 -6.89 28.03
C GLU A 238 13.82 -7.37 27.38
N ALA A 239 13.73 -8.36 26.49
CA ALA A 239 14.92 -8.84 25.79
C ALA A 239 15.51 -7.76 24.90
N VAL A 240 14.66 -7.01 24.20
CA VAL A 240 15.15 -5.93 23.36
C VAL A 240 15.86 -4.87 24.19
N TYR A 241 15.28 -4.51 25.33
CA TYR A 241 15.88 -3.51 26.20
C TYR A 241 17.21 -3.99 26.76
N ARG A 242 17.29 -5.25 27.18
CA ARG A 242 18.54 -5.78 27.70
C ARG A 242 19.62 -5.82 26.62
N SER A 243 19.25 -6.21 25.40
CA SER A 243 20.21 -6.19 24.31
C SER A 243 20.69 -4.79 24.02
N ALA A 244 19.79 -3.81 24.09
CA ALA A 244 20.19 -2.41 23.87
C ALA A 244 21.17 -1.95 24.94
N ARG A 245 20.90 -2.27 26.20
CA ARG A 245 21.81 -1.87 27.28
C ARG A 245 23.17 -2.52 27.11
N ASP A 246 23.20 -3.80 26.77
CA ASP A 246 24.48 -4.48 26.55
C ASP A 246 25.23 -3.87 25.38
N ALA A 247 24.51 -3.55 24.30
CA ALA A 247 25.15 -2.93 23.14
C ALA A 247 25.73 -1.56 23.49
N LEU A 248 25.00 -0.77 24.27
CA LEU A 248 25.50 0.54 24.66
C LEU A 248 26.75 0.41 25.51
N ASP A 249 26.76 -0.53 26.46
CA ASP A 249 27.95 -0.73 27.28
C ASP A 249 29.13 -1.18 26.43
N ALA A 250 28.91 -2.11 25.50
CA ALA A 250 29.98 -2.58 24.64
C ALA A 250 30.55 -1.46 23.78
N LEU A 251 29.66 -0.62 23.21
CA LEU A 251 30.12 0.48 22.39
C LEU A 251 30.89 1.51 23.21
N ALA A 252 30.45 1.76 24.45
CA ALA A 252 31.20 2.66 25.31
C ALA A 252 32.59 2.11 25.59
N SER A 253 32.69 0.80 25.84
CA SER A 253 34.01 0.20 26.06
C SER A 253 34.89 0.30 24.82
N LEU A 254 34.30 0.05 23.64
CA LEU A 254 35.07 0.13 22.40
C LEU A 254 35.57 1.55 22.16
N LEU A 255 34.73 2.54 22.43
CA LEU A 255 35.18 3.93 22.32
C LEU A 255 36.27 4.24 23.33
N ARG A 256 36.14 3.70 24.55
CA ARG A 256 37.17 3.90 25.56
C ARG A 256 38.50 3.31 25.13
N GLU A 257 38.48 2.25 24.32
CA GLU A 257 39.72 1.64 23.87
C GLU A 257 40.56 2.61 23.04
N SER A 258 39.91 3.38 22.16
CA SER A 258 40.63 4.26 21.25
C SER A 258 41.30 5.40 22.00
N GLU A 259 42.50 5.78 21.56
CA GLU A 259 43.25 6.85 22.20
C GLU A 259 42.71 8.23 21.84
N THR A 260 42.14 8.38 20.66
CA THR A 260 41.60 9.67 20.24
C THR A 260 40.15 9.78 20.69
N ALA A 261 39.44 10.79 20.20
CA ALA A 261 38.06 11.03 20.56
C ALA A 261 37.08 10.26 19.69
N TRP A 262 37.56 9.55 18.66
CA TRP A 262 36.72 8.82 17.73
C TRP A 262 37.07 7.35 17.77
N PHE A 263 36.23 6.54 17.13
CA PHE A 263 36.41 5.10 17.14
C PHE A 263 37.65 4.69 16.36
N PHE A 264 38.31 3.63 16.85
CA PHE A 264 39.46 3.03 16.18
C PHE A 264 40.63 4.01 16.04
N GLY A 265 40.70 4.99 16.94
CA GLY A 265 41.83 5.91 16.96
C GLY A 265 42.00 6.72 15.70
N THR A 266 40.91 7.14 15.08
CA THR A 266 40.97 7.96 13.88
C THR A 266 40.97 9.44 14.25
N GLU A 267 41.58 10.24 13.40
CA GLU A 267 41.63 11.68 13.64
C GLU A 267 40.31 12.37 13.32
N ARG A 268 39.54 11.82 12.39
CA ARG A 268 38.27 12.41 11.97
C ARG A 268 37.17 11.38 12.06
N PRO A 269 35.94 11.81 12.33
CA PRO A 269 34.82 10.86 12.40
C PRO A 269 34.59 10.17 11.06
N GLY A 270 34.11 8.92 11.14
CA GLY A 270 33.87 8.14 9.96
C GLY A 270 32.49 7.52 9.90
N SER A 271 32.35 6.44 9.12
CA SER A 271 31.06 5.79 8.96
C SER A 271 30.57 5.19 10.26
N PHE A 272 31.47 4.58 11.05
CA PHE A 272 31.07 4.02 12.33
C PHE A 272 30.57 5.11 13.28
N ASP A 273 31.28 6.23 13.34
CA ASP A 273 30.87 7.32 14.20
C ASP A 273 29.52 7.89 13.76
N ALA A 274 29.32 8.06 12.45
CA ALA A 274 28.05 8.56 11.97
C ALA A 274 26.91 7.60 12.29
N ALA A 275 27.15 6.30 12.12
CA ALA A 275 26.12 5.30 12.41
C ALA A 275 25.75 5.30 13.89
N LEU A 276 26.74 5.38 14.77
CA LEU A 276 26.42 5.44 16.20
C LEU A 276 25.71 6.73 16.56
N PHE A 277 26.15 7.85 15.98
CA PHE A 277 25.57 9.16 16.29
C PHE A 277 24.10 9.21 15.86
N SER A 278 23.79 8.63 14.70
CA SER A 278 22.42 8.69 14.17
C SER A 278 21.41 8.06 15.13
N TYR A 279 21.86 7.20 16.04
CA TYR A 279 20.98 6.63 17.05
C TYR A 279 21.14 7.30 18.41
N THR A 280 22.37 7.57 18.84
CA THR A 280 22.57 8.15 20.16
C THR A 280 21.98 9.56 20.25
N HIS A 281 22.19 10.37 19.22
CA HIS A 281 21.65 11.73 19.23
C HIS A 281 20.13 11.72 19.33
N LEU A 282 19.47 10.87 18.53
CA LEU A 282 18.03 10.79 18.56
C LEU A 282 17.52 10.26 19.89
N MET A 283 18.22 9.27 20.46
CA MET A 283 17.83 8.74 21.77
C MET A 283 17.89 9.82 22.83
N VAL A 284 18.99 10.58 22.86
CA VAL A 284 19.12 11.64 23.85
C VAL A 284 18.11 12.75 23.60
N GLU A 285 17.82 13.03 22.33
CA GLU A 285 16.92 14.14 22.01
C GLU A 285 15.48 13.83 22.38
N TYR A 286 14.99 12.64 22.03
CA TYR A 286 13.57 12.33 22.17
C TYR A 286 13.28 11.35 23.29
N MET A 287 14.05 10.28 23.43
CA MET A 287 13.76 9.27 24.45
C MET A 287 14.24 9.65 25.84
N SER A 288 15.06 10.70 25.96
CA SER A 288 15.57 11.13 27.27
C SER A 288 14.52 12.00 27.96
N GLU A 289 13.47 11.33 28.42
CA GLU A 289 12.37 12.01 29.10
C GLU A 289 12.65 12.04 30.60
N GLU A 290 11.65 12.43 31.39
CA GLU A 290 11.83 12.54 32.83
C GLU A 290 11.91 11.16 33.47
N GLU A 291 12.54 11.11 34.65
CA GLU A 291 12.69 9.85 35.38
C GLU A 291 11.40 9.40 36.04
N ASP A 292 10.37 10.25 36.11
CA ASP A 292 9.10 9.86 36.72
C ASP A 292 8.46 8.71 35.94
N THR A 293 8.47 8.80 34.61
CA THR A 293 7.98 7.69 33.80
C THR A 293 8.84 6.45 33.97
N GLU A 294 10.16 6.62 34.06
CA GLU A 294 11.05 5.50 34.25
C GLU A 294 10.80 4.81 35.60
N SER A 295 10.59 5.60 36.66
CA SER A 295 10.39 5.03 37.98
C SER A 295 9.09 4.24 38.07
N ALA A 296 8.07 4.64 37.30
CA ALA A 296 6.79 3.94 37.37
C ALA A 296 6.91 2.50 36.91
N LYS A 297 7.66 2.25 35.84
CA LYS A 297 7.84 0.91 35.30
C LYS A 297 9.19 0.30 35.61
N GLY A 298 10.11 1.07 36.20
CA GLY A 298 11.45 0.57 36.46
C GLY A 298 12.33 0.47 35.24
N ARG A 299 11.89 1.00 34.09
CA ARG A 299 12.63 0.91 32.85
C ARG A 299 13.35 2.23 32.59
N VAL A 300 14.68 2.18 32.54
CA VAL A 300 15.45 3.37 32.22
C VAL A 300 15.24 3.74 30.76
N SER A 301 15.02 5.02 30.49
CA SER A 301 14.77 5.47 29.13
C SER A 301 16.03 5.30 28.28
N LEU A 302 15.81 5.31 26.96
CA LEU A 302 16.93 5.11 26.03
C LEU A 302 17.96 6.23 26.14
N GLY A 303 17.49 7.48 26.25
CA GLY A 303 18.41 8.58 26.39
C GLY A 303 19.21 8.52 27.67
N ARG A 304 18.57 8.15 28.78
CA ARG A 304 19.29 8.01 30.03
C ARG A 304 20.30 6.86 29.96
N MET A 305 19.93 5.76 29.30
CA MET A 305 20.88 4.67 29.11
C MET A 305 22.08 5.11 28.28
N VAL A 306 21.84 5.90 27.23
CA VAL A 306 22.93 6.41 26.42
C VAL A 306 23.84 7.30 27.26
N LYS A 307 23.25 8.17 28.08
CA LYS A 307 24.05 9.07 28.91
C LYS A 307 24.85 8.30 29.96
N GLU A 308 24.28 7.23 30.50
CA GLU A 308 24.93 6.49 31.57
C GLU A 308 25.81 5.35 31.09
N ALA A 309 25.81 5.06 29.80
CA ALA A 309 26.62 3.95 29.28
C ALA A 309 28.10 4.27 29.47
N GLY A 310 28.83 3.30 30.03
CA GLY A 310 30.23 3.53 30.33
C GLY A 310 30.38 4.64 31.36
N ASN A 311 31.20 5.63 31.02
CA ASN A 311 31.41 6.81 31.86
C ASN A 311 31.05 8.08 31.11
N GLY A 312 29.93 8.06 30.41
CA GLY A 312 29.54 9.17 29.57
C GLY A 312 30.28 9.26 28.26
N GLU A 313 30.99 8.20 27.85
CA GLU A 313 31.75 8.23 26.62
C GLU A 313 30.83 8.44 25.42
N LEU A 314 29.69 7.76 25.39
CA LEU A 314 28.77 7.93 24.28
C LEU A 314 28.18 9.33 24.24
N ALA A 315 27.87 9.89 25.41
CA ALA A 315 27.33 11.25 25.46
C ALA A 315 28.35 12.26 24.96
N GLU A 316 29.61 12.14 25.39
CA GLU A 316 30.62 13.08 24.93
C GLU A 316 30.95 12.86 23.46
N HIS A 317 30.85 11.62 22.97
CA HIS A 317 31.03 11.37 21.55
C HIS A 317 29.93 12.04 20.73
N ARG A 318 28.68 11.96 21.22
CA ARG A 318 27.59 12.64 20.53
C ARG A 318 27.79 14.15 20.55
N GLU A 319 28.25 14.69 21.67
CA GLU A 319 28.52 16.13 21.74
C GLU A 319 29.62 16.54 20.78
N ARG A 320 30.69 15.74 20.69
CA ARG A 320 31.77 16.05 19.75
C ARG A 320 31.29 15.96 18.31
N MET A 321 30.47 14.96 17.99
CA MET A 321 29.94 14.84 16.64
C MET A 321 29.05 16.04 16.30
N LEU A 322 28.25 16.49 17.26
CA LEU A 322 27.45 17.69 17.04
C LEU A 322 28.32 18.91 16.85
N GLY A 323 29.38 19.04 17.64
CA GLY A 323 30.28 20.18 17.49
C GLY A 323 31.08 20.16 16.21
N VAL A 324 31.24 18.98 15.60
CA VAL A 324 31.99 18.87 14.35
C VAL A 324 31.08 19.06 13.14
N ALA A 325 29.91 18.43 13.12
CA ALA A 325 29.04 18.46 11.96
C ALA A 325 28.03 19.60 11.99
N TRP A 326 27.59 20.03 13.17
CA TRP A 326 26.69 21.16 13.34
C TRP A 326 27.31 22.13 14.33
N PRO A 327 28.43 22.76 13.97
CA PRO A 327 29.10 23.65 14.92
C PRO A 327 28.27 24.87 15.31
N GLU A 328 27.40 25.33 14.42
CA GLU A 328 26.61 26.52 14.72
C GLU A 328 25.46 26.24 15.67
N TRP A 329 24.96 25.00 15.70
CA TRP A 329 23.80 24.68 16.52
C TRP A 329 24.14 24.73 18.00
N ASP A 330 23.19 25.17 18.81
CA ASP A 330 23.37 25.24 20.25
C ASP A 330 22.19 24.70 21.05
N GLY A 331 21.03 24.52 20.45
CA GLY A 331 19.88 23.99 21.16
C GLY A 331 19.75 22.48 21.01
N TYR A 332 20.88 21.78 21.10
CA TYR A 332 20.92 20.34 20.88
C TYR A 332 20.78 19.53 22.15
N ARG A 333 20.57 20.18 23.29
CA ARG A 333 20.66 19.47 24.57
C ARG A 333 19.63 18.37 24.68
N ARG A 334 18.39 18.64 24.28
CA ARG A 334 17.32 17.65 24.33
C ARG A 334 16.12 18.10 23.51
N LEU B 56 -54.90 0.08 -36.14
CA LEU B 56 -55.23 0.36 -37.54
C LEU B 56 -55.22 1.86 -37.80
N ASP B 57 -55.21 2.23 -39.09
CA ASP B 57 -55.21 3.65 -39.45
C ASP B 57 -56.49 4.34 -39.01
N GLU B 58 -57.64 3.67 -39.17
CA GLU B 58 -58.92 4.24 -38.77
C GLU B 58 -59.30 3.90 -37.33
N HIS B 59 -58.54 3.02 -36.68
CA HIS B 59 -58.91 2.60 -35.32
C HIS B 59 -58.64 3.70 -34.30
N ILE B 60 -57.74 4.63 -34.59
CA ILE B 60 -57.35 5.64 -33.60
C ILE B 60 -58.40 6.71 -33.40
N LEU B 61 -59.43 6.77 -34.25
CA LEU B 61 -60.44 7.81 -34.11
C LEU B 61 -61.42 7.53 -32.99
N THR B 62 -61.68 6.27 -32.69
CA THR B 62 -62.71 5.91 -31.71
C THR B 62 -62.23 6.26 -30.30
N PRO B 63 -62.97 7.06 -29.55
CA PRO B 63 -62.60 7.31 -28.15
C PRO B 63 -62.78 6.07 -27.29
N ALA B 64 -61.97 5.97 -26.24
CA ALA B 64 -62.04 4.85 -25.32
C ALA B 64 -61.50 5.27 -23.96
N SER B 65 -61.89 4.52 -22.93
CA SER B 65 -61.44 4.77 -21.58
C SER B 65 -60.82 3.49 -20.99
N ILE B 66 -59.79 3.68 -20.17
CA ILE B 66 -59.09 2.56 -19.54
C ILE B 66 -59.88 2.19 -18.30
N SER B 67 -60.51 1.01 -18.34
CA SER B 67 -61.28 0.54 -17.19
C SER B 67 -60.42 -0.22 -16.20
N THR B 68 -59.74 -1.27 -16.66
CA THR B 68 -58.90 -2.10 -15.79
C THR B 68 -57.49 -2.16 -16.35
N LEU B 69 -56.51 -2.08 -15.46
CA LEU B 69 -55.09 -2.17 -15.82
C LEU B 69 -54.54 -3.39 -15.11
N GLU B 70 -54.19 -4.43 -15.86
CA GLU B 70 -53.68 -5.67 -15.29
C GLU B 70 -52.21 -5.83 -15.61
N VAL B 71 -51.43 -6.23 -14.61
CA VAL B 71 -49.99 -6.44 -14.75
C VAL B 71 -49.68 -7.87 -14.31
N HIS B 72 -48.95 -8.60 -15.15
CA HIS B 72 -48.61 -9.99 -14.88
C HIS B 72 -47.11 -10.15 -14.78
N GLY B 73 -46.68 -11.06 -13.91
CA GLY B 73 -45.27 -11.37 -13.77
C GLY B 73 -44.48 -10.47 -12.87
N ALA B 74 -45.13 -9.78 -11.93
CA ALA B 74 -44.44 -8.90 -11.00
C ALA B 74 -44.62 -9.38 -9.58
N THR B 75 -44.42 -10.68 -9.36
CA THR B 75 -44.69 -11.27 -8.05
C THR B 75 -43.77 -10.75 -6.96
N ASN B 76 -42.62 -10.19 -7.30
CA ASN B 76 -41.65 -9.71 -6.32
C ASN B 76 -41.42 -8.20 -6.44
N THR B 77 -42.49 -7.44 -6.64
CA THR B 77 -42.41 -5.99 -6.72
C THR B 77 -43.52 -5.40 -5.85
N ARG B 78 -43.16 -4.40 -5.05
CA ARG B 78 -44.13 -3.80 -4.14
C ARG B 78 -45.24 -3.11 -4.90
N ARG B 79 -46.45 -3.14 -4.33
CA ARG B 79 -47.59 -2.48 -4.96
C ARG B 79 -47.38 -0.97 -5.05
N SER B 80 -46.78 -0.37 -4.03
CA SER B 80 -46.57 1.08 -4.04
C SER B 80 -45.65 1.51 -5.17
N LEU B 81 -44.79 0.61 -5.65
CA LEU B 81 -43.89 0.97 -6.75
C LEU B 81 -44.66 1.24 -8.03
N LEU B 82 -45.57 0.34 -8.40
CA LEU B 82 -46.39 0.55 -9.58
C LEU B 82 -47.55 1.51 -9.31
N ASP B 83 -47.88 1.72 -8.04
CA ASP B 83 -49.01 2.59 -7.70
C ASP B 83 -48.80 4.01 -8.19
N GLN B 84 -47.64 4.60 -7.89
CA GLN B 84 -47.42 6.00 -8.20
C GLN B 84 -47.07 6.25 -9.65
N ILE B 85 -47.07 5.22 -10.50
CA ILE B 85 -46.76 5.42 -11.91
C ILE B 85 -47.94 5.01 -12.78
N PHE B 86 -48.74 4.04 -12.32
CA PHE B 86 -49.79 3.52 -13.17
C PHE B 86 -51.15 4.18 -12.96
N LYS B 87 -51.41 4.77 -11.78
CA LYS B 87 -52.61 5.59 -11.65
C LYS B 87 -52.62 6.81 -12.57
N PRO B 88 -51.54 7.59 -12.68
CA PRO B 88 -51.55 8.69 -13.68
C PRO B 88 -51.80 8.20 -15.09
N VAL B 89 -51.30 7.02 -15.45
CA VAL B 89 -51.66 6.41 -16.72
C VAL B 89 -53.15 6.06 -16.74
N LEU B 90 -53.64 5.52 -15.62
CA LEU B 90 -55.02 5.03 -15.57
C LEU B 90 -56.03 6.16 -15.72
N GLU B 91 -55.80 7.30 -15.09
CA GLU B 91 -56.76 8.40 -15.11
C GLU B 91 -56.55 9.35 -16.28
N ASP B 92 -55.57 9.06 -17.14
CA ASP B 92 -55.25 9.98 -18.26
C ASP B 92 -56.36 9.99 -19.32
N THR B 93 -57.38 9.14 -19.18
CA THR B 93 -58.42 9.04 -20.23
C THR B 93 -59.45 10.15 -20.08
N ALA B 94 -59.14 11.19 -19.28
CA ALA B 94 -60.12 12.26 -19.05
C ALA B 94 -60.56 12.91 -20.36
N ALA B 95 -59.67 12.96 -21.35
CA ALA B 95 -60.02 13.56 -22.63
C ALA B 95 -61.16 12.80 -23.31
N ALA B 96 -61.09 11.46 -23.31
CA ALA B 96 -62.14 10.61 -23.87
C ALA B 96 -62.46 10.98 -25.31
N GLY B 97 -61.42 11.26 -26.09
CA GLY B 97 -61.57 11.60 -27.50
C GLY B 97 -60.40 11.02 -28.27
N THR B 98 -60.71 10.26 -29.33
CA THR B 98 -59.75 9.56 -30.19
C THR B 98 -58.56 9.04 -29.38
N THR B 99 -58.89 8.36 -28.26
CA THR B 99 -57.88 8.00 -27.28
C THR B 99 -56.93 6.93 -27.79
N LEU B 100 -57.31 6.18 -28.82
CA LEU B 100 -56.42 5.14 -29.32
C LEU B 100 -55.17 5.72 -29.97
N GLY B 101 -55.12 7.02 -30.23
CA GLY B 101 -53.94 7.65 -30.79
C GLY B 101 -53.04 8.30 -29.77
N GLN B 102 -53.50 8.38 -28.53
CA GLN B 102 -52.74 9.02 -27.45
C GLN B 102 -52.43 8.10 -26.28
N VAL B 103 -53.41 7.35 -25.79
CA VAL B 103 -53.18 6.47 -24.66
C VAL B 103 -52.23 5.33 -25.02
N LEU B 104 -52.15 4.95 -26.29
CA LEU B 104 -51.17 3.93 -26.69
C LEU B 104 -49.75 4.43 -26.46
N ASP B 105 -49.46 5.66 -26.90
CA ASP B 105 -48.14 6.24 -26.63
C ASP B 105 -47.95 6.52 -25.15
N ARG B 106 -49.02 6.84 -24.44
CA ARG B 106 -48.91 7.05 -22.99
C ARG B 106 -48.49 5.75 -22.32
N VAL B 107 -49.08 4.62 -22.73
CA VAL B 107 -48.72 3.32 -22.18
C VAL B 107 -47.30 2.94 -22.59
N GLY B 108 -46.91 3.30 -23.82
CA GLY B 108 -45.53 3.07 -24.22
C GLY B 108 -44.54 3.82 -23.35
N ALA B 109 -44.85 5.08 -23.03
CA ALA B 109 -44.01 5.84 -22.12
C ALA B 109 -44.02 5.22 -20.72
N ALA B 110 -45.17 4.70 -20.29
CA ALA B 110 -45.24 4.05 -18.99
C ALA B 110 -44.34 2.81 -18.94
N THR B 111 -44.35 2.01 -19.99
CA THR B 111 -43.49 0.82 -20.00
C THR B 111 -42.02 1.19 -20.18
N LYS B 112 -41.74 2.32 -20.85
CA LYS B 112 -40.36 2.81 -20.90
C LYS B 112 -39.89 3.21 -19.51
N LYS B 113 -40.76 3.87 -18.74
CA LYS B 113 -40.44 4.18 -17.35
C LYS B 113 -40.27 2.91 -16.53
N LEU B 114 -41.07 1.89 -16.82
CA LEU B 114 -40.92 0.61 -16.15
C LEU B 114 -39.55 0.00 -16.41
N ALA B 115 -39.06 0.12 -17.64
CA ALA B 115 -37.74 -0.40 -17.98
C ALA B 115 -36.62 0.29 -17.20
N ARG B 116 -36.85 1.50 -16.71
CA ARG B 116 -35.79 2.23 -16.01
C ARG B 116 -35.43 1.58 -14.68
N PHE B 117 -36.34 0.80 -14.10
CA PHE B 117 -36.06 0.18 -12.80
C PHE B 117 -34.96 -0.87 -12.88
N ASP B 118 -34.65 -1.37 -14.07
CA ASP B 118 -33.57 -2.33 -14.33
C ASP B 118 -33.93 -3.71 -13.80
N ILE B 119 -34.99 -3.82 -13.00
CA ILE B 119 -35.35 -5.09 -12.37
C ILE B 119 -36.06 -6.06 -13.30
N PHE B 120 -36.45 -5.60 -14.50
CA PHE B 120 -37.19 -6.43 -15.44
C PHE B 120 -36.35 -6.70 -16.68
N LYS B 121 -36.65 -7.84 -17.33
CA LYS B 121 -35.90 -8.24 -18.55
C LYS B 121 -36.47 -7.48 -19.77
N GLU B 122 -35.59 -6.82 -20.52
CA GLU B 122 -36.06 -5.99 -21.68
C GLU B 122 -36.74 -6.90 -22.72
N GLU B 123 -36.19 -8.09 -22.96
CA GLU B 123 -36.75 -9.01 -23.98
C GLU B 123 -38.08 -9.60 -23.48
N GLY B 124 -38.45 -9.28 -22.24
CA GLY B 124 -39.68 -9.83 -21.66
C GLY B 124 -40.72 -8.76 -21.40
N PHE B 125 -40.74 -7.70 -22.21
CA PHE B 125 -41.80 -6.66 -22.07
C PHE B 125 -42.97 -7.03 -22.98
N GLY B 126 -44.13 -7.32 -22.40
CA GLY B 126 -45.30 -7.73 -23.21
C GLY B 126 -46.51 -6.89 -22.90
N VAL B 127 -47.22 -6.44 -23.95
CA VAL B 127 -48.44 -5.60 -23.77
C VAL B 127 -49.59 -6.17 -24.62
N PHE B 128 -50.58 -6.79 -23.98
CA PHE B 128 -51.72 -7.33 -24.68
C PHE B 128 -52.89 -6.35 -24.59
N LEU B 129 -53.53 -6.08 -25.71
CA LEU B 129 -54.65 -5.16 -25.79
C LEU B 129 -55.88 -5.89 -26.30
N SER B 130 -57.02 -5.62 -25.69
CA SER B 130 -58.27 -6.25 -26.09
C SER B 130 -59.44 -5.32 -25.75
N GLU B 131 -60.44 -5.32 -26.62
CA GLU B 131 -61.64 -4.53 -26.36
C GLU B 131 -62.40 -5.13 -25.19
N ALA B 132 -62.98 -4.26 -24.36
CA ALA B 132 -63.57 -4.67 -23.10
C ALA B 132 -64.94 -5.29 -23.35
N ALA B 133 -65.06 -6.60 -23.08
CA ALA B 133 -66.30 -7.33 -23.31
C ALA B 133 -67.51 -6.77 -22.58
N PRO B 134 -67.42 -6.35 -21.30
CA PRO B 134 -68.61 -5.82 -20.61
C PRO B 134 -69.31 -4.75 -21.42
N PRO B 135 -70.57 -4.98 -21.78
CA PRO B 135 -71.34 -3.98 -22.53
C PRO B 135 -71.92 -2.90 -21.64
N GLN B 136 -71.13 -1.86 -21.35
CA GLN B 136 -71.59 -0.79 -20.47
C GLN B 136 -72.84 -0.12 -21.04
N SER B 137 -73.76 0.22 -20.14
CA SER B 137 -75.03 0.81 -20.56
C SER B 137 -74.82 2.20 -21.15
N ALA B 138 -75.42 2.44 -22.31
CA ALA B 138 -75.37 3.70 -23.04
C ALA B 138 -73.93 4.18 -23.21
N PRO B 139 -73.14 3.54 -24.06
CA PRO B 139 -71.77 4.00 -24.30
C PRO B 139 -71.76 5.39 -24.93
N PRO B 140 -71.13 6.37 -24.29
CA PRO B 140 -71.07 7.71 -24.89
C PRO B 140 -70.41 7.73 -26.26
N THR B 141 -69.38 6.90 -26.46
CA THR B 141 -68.68 6.78 -27.72
C THR B 141 -68.57 5.31 -28.09
N ASP B 142 -68.10 5.03 -29.30
CA ASP B 142 -67.87 3.66 -29.73
C ASP B 142 -66.69 3.07 -28.97
N ARG B 143 -66.84 1.81 -28.56
CA ARG B 143 -65.85 1.04 -27.80
C ARG B 143 -65.17 1.88 -26.72
N THR B 144 -65.97 2.64 -25.96
CA THR B 144 -65.41 3.49 -24.91
C THR B 144 -64.73 2.65 -23.83
N ASP B 145 -65.23 1.44 -23.59
CA ASP B 145 -64.64 0.56 -22.60
C ASP B 145 -63.47 -0.19 -23.23
N LEU B 146 -62.29 -0.04 -22.63
CA LEU B 146 -61.09 -0.68 -23.18
C LEU B 146 -60.14 -1.01 -22.02
N ASP B 147 -59.63 -2.23 -22.00
CA ASP B 147 -58.66 -2.65 -21.02
C ASP B 147 -57.41 -3.20 -21.72
N ILE B 148 -56.27 -3.03 -21.07
CA ILE B 148 -55.00 -3.48 -21.61
C ILE B 148 -54.34 -4.42 -20.62
N SER B 149 -53.48 -5.30 -21.13
CA SER B 149 -52.79 -6.29 -20.32
C SER B 149 -51.29 -6.14 -20.54
N ILE B 150 -50.53 -6.11 -19.45
CA ILE B 150 -49.08 -6.00 -19.50
C ILE B 150 -48.48 -7.22 -18.82
N ARG B 151 -47.62 -7.93 -19.53
CA ARG B 151 -46.92 -9.08 -19.00
C ARG B 151 -45.42 -8.81 -19.05
N VAL B 152 -44.76 -8.95 -17.91
CA VAL B 152 -43.32 -8.69 -17.83
C VAL B 152 -42.70 -9.70 -16.89
N LYS B 153 -41.49 -10.15 -17.23
CA LYS B 153 -40.74 -11.10 -16.44
C LYS B 153 -39.57 -10.40 -15.79
N GLU B 154 -39.39 -10.62 -14.49
CA GLU B 154 -38.29 -10.01 -13.75
C GLU B 154 -36.97 -10.66 -14.11
N LYS B 155 -35.89 -9.92 -13.93
CA LYS B 155 -34.56 -10.49 -14.06
C LYS B 155 -34.27 -11.41 -12.89
N SER B 156 -33.18 -12.17 -13.00
CA SER B 156 -32.75 -13.02 -11.91
C SER B 156 -32.47 -12.18 -10.67
N ARG B 157 -32.96 -12.66 -9.53
CA ARG B 157 -32.89 -11.89 -8.29
C ARG B 157 -31.50 -11.84 -7.68
N LEU B 158 -30.56 -12.63 -8.17
CA LEU B 158 -29.20 -12.64 -7.63
C LEU B 158 -28.27 -13.20 -8.68
N VAL B 159 -27.35 -12.37 -9.16
CA VAL B 159 -26.31 -12.79 -10.09
C VAL B 159 -24.99 -12.77 -9.35
N PHE B 160 -24.25 -13.88 -9.46
CA PHE B 160 -23.05 -14.04 -8.65
C PHE B 160 -21.97 -14.66 -9.51
N SER B 161 -21.15 -13.84 -10.16
CA SER B 161 -20.16 -14.31 -11.12
C SER B 161 -18.80 -14.50 -10.44
N ALA B 162 -18.75 -15.50 -9.55
CA ALA B 162 -17.54 -15.80 -8.78
C ALA B 162 -16.55 -16.54 -9.68
N GLY B 163 -15.88 -15.77 -10.54
CA GLY B 163 -14.78 -16.32 -11.30
C GLY B 163 -13.55 -16.43 -10.43
N THR B 164 -13.23 -17.64 -9.98
CA THR B 164 -12.20 -17.85 -8.97
C THR B 164 -11.09 -18.75 -9.51
N ASP B 165 -9.86 -18.38 -9.19
CA ASP B 165 -8.67 -19.17 -9.51
C ASP B 165 -7.84 -19.36 -8.24
N PHE B 166 -8.52 -19.79 -7.18
CA PHE B 166 -7.90 -19.85 -5.86
C PHE B 166 -6.68 -20.76 -5.84
N GLY B 167 -6.70 -21.85 -6.61
CA GLY B 167 -5.54 -22.70 -6.70
C GLY B 167 -4.33 -21.99 -7.29
N ASN B 168 -4.55 -21.18 -8.32
CA ASN B 168 -3.49 -20.39 -8.92
C ASN B 168 -3.10 -19.25 -7.97
N ALA B 169 -1.81 -18.87 -8.04
CA ALA B 169 -1.33 -17.81 -7.16
C ALA B 169 -2.05 -16.50 -7.42
N GLU B 170 -2.25 -16.14 -8.69
CA GLU B 170 -3.05 -14.98 -9.06
C GLU B 170 -4.51 -15.37 -8.87
N GLY B 171 -5.10 -14.96 -7.75
CA GLY B 171 -6.45 -15.39 -7.42
C GLY B 171 -7.47 -14.96 -8.46
N SER B 172 -7.45 -13.70 -8.84
CA SER B 172 -8.36 -13.14 -9.84
C SER B 172 -9.81 -13.49 -9.53
N ALA B 173 -10.18 -13.33 -8.26
CA ALA B 173 -11.53 -13.66 -7.80
C ALA B 173 -12.42 -12.43 -7.91
N TYR B 174 -12.83 -12.14 -9.15
CA TYR B 174 -13.69 -10.98 -9.42
C TYR B 174 -15.12 -11.34 -9.00
N THR B 175 -15.35 -11.28 -7.68
CA THR B 175 -16.69 -11.48 -7.15
C THR B 175 -17.61 -10.39 -7.66
N ASN B 176 -18.80 -10.78 -8.11
CA ASN B 176 -19.76 -9.87 -8.75
C ASN B 176 -21.15 -10.06 -8.17
N ALA B 177 -21.24 -10.00 -6.83
CA ALA B 177 -22.55 -10.03 -6.18
C ALA B 177 -23.40 -8.85 -6.65
N VAL B 178 -24.48 -9.14 -7.36
CA VAL B 178 -25.31 -8.10 -7.97
C VAL B 178 -26.71 -8.30 -7.40
N VAL B 179 -26.78 -8.65 -6.11
CA VAL B 179 -28.04 -8.82 -5.40
C VAL B 179 -28.98 -7.67 -5.73
N ARG B 180 -30.16 -8.00 -6.25
CA ARG B 180 -31.03 -7.02 -6.88
C ARG B 180 -32.46 -7.14 -6.35
N ASN B 181 -33.14 -6.00 -6.29
CA ASN B 181 -34.54 -5.94 -5.90
C ASN B 181 -34.77 -6.45 -4.48
N ILE B 182 -33.84 -6.10 -3.58
CA ILE B 182 -34.07 -6.33 -2.17
C ILE B 182 -35.25 -5.48 -1.72
N PHE B 183 -36.10 -6.05 -0.88
CA PHE B 183 -37.30 -5.41 -0.35
C PHE B 183 -38.35 -5.10 -1.42
N GLY B 184 -38.14 -5.57 -2.64
CA GLY B 184 -39.13 -5.40 -3.70
C GLY B 184 -39.39 -3.95 -4.07
N GLY B 185 -38.37 -3.12 -4.05
CA GLY B 185 -38.53 -1.72 -4.42
C GLY B 185 -37.41 -1.23 -5.29
N ALA B 186 -36.87 -2.12 -6.12
CA ALA B 186 -35.77 -1.84 -7.05
C ALA B 186 -34.47 -1.45 -6.35
N GLU B 187 -34.32 -1.79 -5.07
CA GLU B 187 -33.04 -1.61 -4.42
C GLU B 187 -32.02 -2.57 -5.02
N THR B 188 -30.84 -2.05 -5.34
CA THR B 188 -29.79 -2.84 -5.98
C THR B 188 -28.50 -2.71 -5.18
N LEU B 189 -27.94 -3.84 -4.78
CA LEU B 189 -26.65 -3.88 -4.10
C LEU B 189 -25.65 -4.58 -5.01
N THR B 190 -24.54 -3.91 -5.29
CA THR B 190 -23.51 -4.43 -6.19
C THR B 190 -22.19 -4.51 -5.45
N VAL B 191 -21.57 -5.68 -5.48
CA VAL B 191 -20.25 -5.90 -4.91
C VAL B 191 -19.32 -6.37 -6.01
N ASN B 192 -18.20 -5.67 -6.19
CA ASN B 192 -17.25 -5.95 -7.26
C ASN B 192 -15.85 -6.17 -6.70
N ALA B 193 -15.76 -6.95 -5.63
CA ALA B 193 -14.46 -7.25 -5.04
C ALA B 193 -13.61 -8.08 -6.01
N SER B 194 -12.31 -7.80 -6.02
CA SER B 194 -11.38 -8.49 -6.91
C SER B 194 -10.01 -8.52 -6.27
N THR B 195 -9.17 -9.44 -6.74
CA THR B 195 -7.81 -9.58 -6.24
C THR B 195 -6.86 -9.83 -7.40
N GLY B 196 -5.61 -9.42 -7.22
CA GLY B 196 -4.57 -9.58 -8.20
C GLY B 196 -3.60 -10.69 -7.85
N THR B 197 -2.35 -10.53 -8.29
CA THR B 197 -1.29 -11.50 -8.00
C THR B 197 -0.71 -11.21 -6.61
N ARG B 198 -1.57 -11.39 -5.60
CA ARG B 198 -1.24 -11.11 -4.20
C ARG B 198 -0.80 -9.67 -4.01
N THR B 199 -1.24 -8.78 -4.90
CA THR B 199 -0.95 -7.36 -4.83
C THR B 199 -2.08 -6.67 -4.07
N ARG B 200 -2.12 -5.34 -4.16
CA ARG B 200 -3.19 -4.58 -3.54
C ARG B 200 -4.53 -5.00 -4.12
N SER B 201 -5.36 -5.63 -3.28
CA SER B 201 -6.66 -6.13 -3.74
C SER B 201 -7.65 -4.99 -3.91
N ALA B 202 -8.49 -5.12 -4.92
CA ALA B 202 -9.53 -4.13 -5.17
C ALA B 202 -10.75 -4.41 -4.29
N TYR B 203 -11.66 -3.45 -4.26
CA TYR B 203 -12.86 -3.55 -3.44
C TYR B 203 -13.87 -2.51 -3.90
N ASN B 204 -15.10 -2.95 -4.16
CA ASN B 204 -16.17 -2.06 -4.59
C ASN B 204 -17.49 -2.57 -4.04
N ALA B 205 -18.32 -1.66 -3.55
CA ALA B 205 -19.61 -2.03 -2.98
C ALA B 205 -20.55 -0.84 -3.14
N THR B 206 -21.55 -0.99 -4.00
CA THR B 206 -22.51 0.08 -4.28
C THR B 206 -23.92 -0.38 -3.92
N PHE B 207 -24.67 0.50 -3.28
CA PHE B 207 -26.06 0.25 -2.92
C PHE B 207 -26.92 1.37 -3.50
N SER B 208 -27.79 1.02 -4.44
CA SER B 208 -28.64 1.98 -5.12
C SER B 208 -30.10 1.73 -4.80
N THR B 209 -30.87 2.80 -4.70
CA THR B 209 -32.28 2.71 -4.38
C THR B 209 -33.03 3.92 -4.90
N PRO B 210 -34.12 3.73 -5.65
CA PRO B 210 -34.94 4.87 -6.05
C PRO B 210 -35.60 5.52 -4.85
N ILE B 211 -35.80 6.83 -4.93
CA ILE B 211 -36.37 7.59 -3.83
C ILE B 211 -37.88 7.64 -4.00
N ASN B 212 -38.60 7.10 -3.02
CA ASN B 212 -40.07 7.06 -3.02
C ASN B 212 -40.60 6.38 -4.29
N GLY B 213 -39.92 5.33 -4.71
CA GLY B 213 -40.34 4.56 -5.87
C GLY B 213 -40.36 5.35 -7.15
N ASN B 214 -39.46 6.33 -7.25
CA ASN B 214 -39.36 7.15 -8.45
C ASN B 214 -38.13 6.72 -9.23
N PRO B 215 -38.28 6.11 -10.41
CA PRO B 215 -37.09 5.67 -11.16
C PRO B 215 -36.17 6.81 -11.57
N ASP B 216 -36.70 8.03 -11.72
CA ASP B 216 -35.87 9.17 -12.10
C ASP B 216 -34.93 9.57 -10.97
N LEU B 217 -35.46 9.70 -9.75
CA LEU B 217 -34.69 10.13 -8.60
C LEU B 217 -34.12 8.90 -7.90
N ARG B 218 -32.80 8.75 -7.95
CA ARG B 218 -32.14 7.56 -7.45
C ARG B 218 -30.96 7.96 -6.58
N LEU B 219 -30.85 7.34 -5.41
CA LEU B 219 -29.80 7.62 -4.44
C LEU B 219 -28.88 6.42 -4.33
N SER B 220 -27.57 6.67 -4.38
CA SER B 220 -26.58 5.59 -4.38
C SER B 220 -25.52 5.86 -3.32
N VAL B 221 -25.10 4.79 -2.66
CA VAL B 221 -24.00 4.83 -1.68
C VAL B 221 -22.95 3.83 -2.14
N GLU B 222 -21.70 4.27 -2.19
CA GLU B 222 -20.62 3.45 -2.73
C GLU B 222 -19.41 3.52 -1.81
N ALA B 223 -18.75 2.38 -1.64
CA ALA B 223 -17.47 2.30 -0.95
C ALA B 223 -16.49 1.57 -1.87
N LEU B 224 -15.34 2.19 -2.13
CA LEU B 224 -14.41 1.69 -3.14
C LEU B 224 -13.00 1.63 -2.57
N ARG B 225 -12.18 0.78 -3.19
CA ARG B 225 -10.76 0.72 -2.89
C ARG B 225 -10.07 0.19 -4.15
N SER B 226 -9.46 1.10 -4.91
CA SER B 226 -8.86 0.76 -6.19
C SER B 226 -7.41 1.24 -6.22
N ALA B 227 -6.76 1.04 -7.37
CA ALA B 227 -5.37 1.44 -7.57
C ALA B 227 -5.21 1.83 -9.05
N THR B 228 -5.34 3.12 -9.32
CA THR B 228 -5.20 3.61 -10.68
C THR B 228 -3.73 3.77 -11.04
N GLN B 229 -3.39 3.39 -12.26
CA GLN B 229 -2.03 3.51 -12.77
C GLN B 229 -1.95 4.70 -13.72
N LYS B 230 -0.91 5.52 -13.55
CA LYS B 230 -0.73 6.75 -14.31
C LYS B 230 0.64 6.69 -14.99
N PRO B 231 0.75 5.97 -16.10
CA PRO B 231 2.06 5.87 -16.77
C PRO B 231 2.59 7.20 -17.28
N TRP B 232 1.71 8.14 -17.64
CA TRP B 232 2.19 9.42 -18.16
C TRP B 232 2.93 10.21 -17.09
N ALA B 233 2.46 10.16 -15.85
CA ALA B 233 3.10 10.88 -14.75
C ALA B 233 4.00 9.98 -13.91
N SER B 234 4.22 8.73 -14.34
CA SER B 234 5.19 7.84 -13.72
C SER B 234 4.89 7.57 -12.25
N HIS B 235 3.63 7.24 -11.96
CA HIS B 235 3.23 6.86 -10.61
C HIS B 235 1.90 6.13 -10.68
N GLU B 236 1.39 5.74 -9.52
CA GLU B 236 0.08 5.12 -9.41
C GLU B 236 -0.66 5.72 -8.22
N GLU B 237 -1.98 5.80 -8.35
CA GLU B 237 -2.83 6.38 -7.32
C GLU B 237 -3.60 5.27 -6.61
N HIS B 238 -3.59 5.30 -5.29
CA HIS B 238 -4.34 4.37 -4.46
C HIS B 238 -5.52 5.12 -3.86
N LEU B 239 -6.73 4.75 -4.27
CA LEU B 239 -7.94 5.42 -3.84
C LEU B 239 -8.68 4.55 -2.84
N THR B 240 -9.11 5.16 -1.73
CA THR B 240 -9.87 4.46 -0.71
C THR B 240 -10.84 5.46 -0.08
N GLY B 241 -12.12 5.29 -0.32
CA GLY B 241 -13.10 6.22 0.22
C GLY B 241 -14.50 5.79 -0.13
N ALA B 242 -15.45 6.67 0.21
CA ALA B 242 -16.86 6.40 0.01
C ALA B 242 -17.52 7.59 -0.67
N ASN B 243 -18.57 7.31 -1.44
CA ASN B 243 -19.33 8.33 -2.14
C ASN B 243 -20.79 8.27 -1.73
N LEU B 244 -21.52 9.35 -2.04
CA LEU B 244 -22.94 9.45 -1.75
C LEU B 244 -23.56 10.29 -2.85
N ARG B 245 -24.11 9.64 -3.87
CA ARG B 245 -24.65 10.31 -5.04
C ARG B 245 -26.17 10.38 -4.98
N LEU B 246 -26.72 11.44 -5.55
CA LEU B 246 -28.16 11.61 -5.71
C LEU B 246 -28.42 11.99 -7.17
N ALA B 247 -28.53 11.00 -8.04
CA ALA B 247 -28.86 11.23 -9.44
C ALA B 247 -30.33 11.58 -9.58
N TRP B 248 -30.65 12.30 -10.64
CA TRP B 248 -32.02 12.75 -10.87
C TRP B 248 -32.16 13.11 -12.34
N LEU B 249 -33.19 12.58 -12.98
CA LEU B 249 -33.47 12.82 -14.39
C LEU B 249 -34.65 13.77 -14.50
N THR B 250 -34.42 14.93 -15.11
CA THR B 250 -35.49 15.91 -15.30
C THR B 250 -36.43 15.43 -16.40
N GLU B 251 -37.68 15.90 -16.33
CA GLU B 251 -38.67 15.53 -17.33
C GLU B 251 -38.29 16.01 -18.73
N LYS B 252 -37.50 17.09 -18.83
CA LYS B 252 -37.05 17.57 -20.12
C LYS B 252 -35.98 16.67 -20.73
N GLY B 253 -35.36 15.81 -19.93
CA GLY B 253 -34.29 14.93 -20.38
C GLY B 253 -32.94 15.23 -19.77
N ASP B 254 -32.80 16.31 -19.01
CA ASP B 254 -31.53 16.61 -18.37
C ASP B 254 -31.27 15.64 -17.23
N THR B 255 -29.99 15.56 -16.84
CA THR B 255 -29.55 14.62 -15.80
C THR B 255 -28.67 15.38 -14.80
N HIS B 256 -29.27 15.77 -13.68
CA HIS B 256 -28.50 16.32 -12.57
C HIS B 256 -27.95 15.19 -11.71
N ALA B 257 -26.84 15.47 -11.03
CA ALA B 257 -26.21 14.46 -10.18
C ALA B 257 -25.39 15.18 -9.13
N LEU B 258 -25.81 15.08 -7.88
CA LEU B 258 -25.10 15.67 -6.75
C LEU B 258 -24.43 14.55 -5.97
N ALA B 259 -23.10 14.62 -5.84
CA ALA B 259 -22.33 13.57 -5.21
C ALA B 259 -21.41 14.15 -4.15
N TYR B 260 -21.32 13.47 -3.02
CA TYR B 260 -20.34 13.78 -1.98
C TYR B 260 -19.35 12.63 -1.91
N SER B 261 -18.06 12.95 -2.04
CA SER B 261 -17.00 11.95 -2.04
C SER B 261 -15.95 12.32 -1.02
N SER B 262 -15.48 11.32 -0.27
CA SER B 262 -14.42 11.49 0.72
C SER B 262 -13.43 10.34 0.51
N VAL B 263 -12.45 10.55 -0.37
CA VAL B 263 -11.51 9.52 -0.74
C VAL B 263 -10.14 9.86 -0.19
N TRP B 264 -9.33 8.82 0.05
CA TRP B 264 -7.97 8.95 0.54
C TRP B 264 -7.03 8.59 -0.61
N ARG B 265 -6.39 9.59 -1.20
CA ARG B 265 -5.48 9.38 -2.29
C ARG B 265 -4.08 9.09 -1.78
N GLN B 266 -3.35 8.27 -2.54
CA GLN B 266 -1.98 7.89 -2.17
C GLN B 266 -1.15 7.76 -3.43
N LEU B 267 -0.12 8.58 -3.56
CA LEU B 267 0.79 8.51 -4.69
C LEU B 267 1.97 7.63 -4.30
N THR B 268 2.07 6.46 -4.95
CA THR B 268 3.13 5.50 -4.66
C THR B 268 3.59 4.89 -5.97
N GLY B 269 4.51 3.93 -5.87
CA GLY B 269 4.99 3.22 -7.04
C GLY B 269 5.63 4.11 -8.07
N LEU B 270 6.45 5.06 -7.65
CA LEU B 270 7.10 5.96 -8.60
C LEU B 270 8.04 5.19 -9.51
N ALA B 271 7.97 5.48 -10.80
CA ALA B 271 8.89 4.89 -11.75
C ALA B 271 10.28 5.46 -11.53
N PRO B 272 11.33 4.76 -11.98
CA PRO B 272 12.68 5.31 -11.84
C PRO B 272 12.90 6.61 -12.57
N THR B 273 12.04 6.94 -13.54
CA THR B 273 12.12 8.19 -14.28
C THR B 273 11.17 9.25 -13.74
N ALA B 274 10.67 9.08 -12.52
CA ALA B 274 9.75 10.04 -11.95
C ALA B 274 10.42 11.40 -11.78
N SER B 275 9.70 12.45 -12.16
CA SER B 275 10.21 13.80 -12.11
C SER B 275 10.22 14.33 -10.69
N PRO B 276 11.01 15.39 -10.43
CA PRO B 276 10.96 16.01 -9.10
C PRO B 276 9.59 16.50 -8.70
N THR B 277 8.77 16.95 -9.66
CA THR B 277 7.41 17.37 -9.33
C THR B 277 6.60 16.19 -8.81
N VAL B 278 6.69 15.04 -9.47
CA VAL B 278 5.96 13.86 -9.04
C VAL B 278 6.47 13.39 -7.69
N ARG B 279 7.79 13.46 -7.47
CA ARG B 279 8.34 13.09 -6.17
C ARG B 279 7.83 14.01 -5.07
N ALA B 280 7.79 15.31 -5.34
CA ALA B 280 7.32 16.27 -4.34
C ALA B 280 5.85 16.08 -4.03
N ASP B 281 5.04 15.73 -5.04
CA ASP B 281 3.62 15.55 -4.82
C ASP B 281 3.26 14.19 -4.26
N ALA B 282 4.21 13.26 -4.16
CA ALA B 282 3.93 11.94 -3.63
C ALA B 282 3.67 12.01 -2.13
N GLY B 283 2.76 11.17 -1.66
CA GLY B 283 2.43 11.13 -0.25
C GLY B 283 0.96 10.79 -0.05
N ASP B 284 0.40 11.33 1.02
CA ASP B 284 -0.97 11.05 1.44
C ASP B 284 -1.83 12.30 1.29
N SER B 285 -3.08 12.10 0.87
CA SER B 285 -4.02 13.20 0.73
C SER B 285 -5.44 12.66 0.89
N LEU B 286 -6.29 13.47 1.49
CA LEU B 286 -7.72 13.19 1.59
C LEU B 286 -8.48 14.29 0.89
N LYS B 287 -9.42 13.91 0.02
CA LYS B 287 -10.25 14.86 -0.71
C LYS B 287 -11.70 14.60 -0.33
N SER B 288 -12.27 15.51 0.45
CA SER B 288 -13.69 15.49 0.78
C SER B 288 -14.33 16.62 -0.02
N SER B 289 -15.04 16.26 -1.09
CA SER B 289 -15.54 17.24 -2.04
C SER B 289 -17.02 17.02 -2.30
N LEU B 290 -17.67 18.10 -2.75
CA LEU B 290 -19.06 18.07 -3.17
C LEU B 290 -19.11 18.50 -4.63
N THR B 291 -19.63 17.64 -5.49
CA THR B 291 -19.60 17.87 -6.92
C THR B 291 -21.00 17.75 -7.51
N HIS B 292 -21.28 18.58 -8.51
CA HIS B 292 -22.56 18.58 -9.20
C HIS B 292 -22.32 18.42 -10.70
N THR B 293 -22.97 17.41 -11.29
CA THR B 293 -22.84 17.13 -12.71
C THR B 293 -24.18 17.34 -13.40
N PHE B 294 -24.18 18.13 -14.48
CA PHE B 294 -25.36 18.41 -15.25
C PHE B 294 -25.11 18.05 -16.70
N THR B 295 -26.02 17.30 -17.30
CA THR B 295 -25.88 16.84 -18.67
C THR B 295 -27.18 17.08 -19.43
N ARG B 296 -27.06 17.65 -20.64
CA ARG B 296 -28.17 17.84 -21.56
C ARG B 296 -27.74 17.24 -22.89
N ASP B 297 -28.07 15.97 -23.11
CA ASP B 297 -27.65 15.24 -24.30
C ASP B 297 -28.83 15.20 -25.27
N ARG B 298 -28.84 16.13 -26.22
CA ARG B 298 -29.85 16.17 -27.26
C ARG B 298 -29.37 15.56 -28.57
N ARG B 299 -28.21 14.92 -28.57
CA ARG B 299 -27.69 14.30 -29.77
C ARG B 299 -28.54 13.10 -30.16
N ASP B 300 -28.71 12.90 -31.47
CA ASP B 300 -29.48 11.76 -31.95
C ASP B 300 -28.80 10.45 -31.58
N ASN B 301 -27.49 10.37 -31.75
CA ASN B 301 -26.73 9.18 -31.40
C ASN B 301 -25.47 9.58 -30.65
N PRO B 302 -25.36 9.25 -29.36
CA PRO B 302 -24.17 9.65 -28.60
C PRO B 302 -22.87 9.10 -29.17
N MET B 303 -22.89 7.89 -29.72
CA MET B 303 -21.66 7.32 -30.27
C MET B 303 -21.27 8.00 -31.57
N LEU B 304 -22.24 8.35 -32.41
CA LEU B 304 -22.00 9.00 -33.70
C LEU B 304 -22.90 10.22 -33.80
N PRO B 305 -22.53 11.33 -33.17
CA PRO B 305 -23.40 12.51 -33.18
C PRO B 305 -23.52 13.14 -34.56
N GLN B 306 -24.69 13.01 -35.18
CA GLN B 306 -24.94 13.57 -36.50
C GLN B 306 -25.80 14.83 -36.44
N SER B 307 -26.56 15.02 -35.37
CA SER B 307 -27.38 16.21 -35.19
C SER B 307 -27.61 16.42 -33.70
N GLY B 308 -28.03 17.63 -33.36
CA GLY B 308 -28.28 17.97 -31.97
C GLY B 308 -27.09 18.64 -31.31
N TYR B 309 -27.08 18.56 -29.98
CA TYR B 309 -26.01 19.17 -29.21
C TYR B 309 -25.93 18.48 -27.86
N LEU B 310 -24.81 18.71 -27.17
CA LEU B 310 -24.60 18.19 -25.83
C LEU B 310 -23.96 19.28 -24.99
N PHE B 311 -24.50 19.50 -23.79
CA PHE B 311 -23.93 20.42 -22.82
C PHE B 311 -23.70 19.67 -21.52
N ARG B 312 -22.46 19.66 -21.04
CA ARG B 312 -22.10 18.97 -19.81
C ARG B 312 -21.31 19.91 -18.92
N SER B 313 -21.65 19.95 -17.64
CA SER B 313 -20.97 20.79 -16.67
C SER B 313 -20.66 19.96 -15.43
N VAL B 314 -19.40 19.97 -15.01
CA VAL B 314 -18.95 19.25 -13.82
C VAL B 314 -18.31 20.28 -12.91
N SER B 315 -19.03 20.68 -11.87
CA SER B 315 -18.55 21.66 -10.90
C SER B 315 -18.28 20.96 -9.57
N GLU B 316 -17.10 21.17 -9.01
CA GLU B 316 -16.69 20.49 -7.80
C GLU B 316 -16.10 21.49 -6.81
N LEU B 317 -16.49 21.35 -5.54
CA LEU B 317 -15.94 22.14 -4.45
C LEU B 317 -15.37 21.20 -3.41
N ALA B 318 -14.10 21.40 -3.05
CA ALA B 318 -13.40 20.52 -2.15
C ALA B 318 -12.81 21.31 -0.99
N GLY B 319 -12.89 20.74 0.21
CA GLY B 319 -12.15 21.23 1.35
C GLY B 319 -12.65 22.52 1.99
N TRP B 320 -13.40 23.32 1.24
CA TRP B 320 -13.83 24.61 1.75
C TRP B 320 -15.07 24.47 2.62
N GLY B 321 -15.14 25.30 3.65
CA GLY B 321 -16.28 25.34 4.53
C GLY B 321 -16.43 24.09 5.37
N PRO B 322 -17.64 23.53 5.40
CA PRO B 322 -17.86 22.31 6.21
C PRO B 322 -17.00 21.14 5.81
N LEU B 323 -16.68 21.02 4.52
CA LEU B 323 -15.81 19.94 4.07
C LEU B 323 -14.43 20.10 4.68
N ASN B 324 -13.80 18.98 5.00
CA ASN B 324 -12.47 18.98 5.61
C ASN B 324 -11.58 18.01 4.86
N GLY B 325 -10.37 18.44 4.54
CA GLY B 325 -9.44 17.59 3.81
C GLY B 325 -8.11 18.28 3.66
N ASP B 326 -7.21 17.59 2.97
CA ASP B 326 -5.87 18.11 2.73
C ASP B 326 -5.80 19.03 1.52
N VAL B 327 -6.83 19.07 0.68
CA VAL B 327 -6.87 19.92 -0.51
C VAL B 327 -8.17 20.72 -0.48
N SER B 328 -8.08 21.99 -0.85
CA SER B 328 -9.22 22.90 -0.88
C SER B 328 -9.18 23.66 -2.19
N PHE B 329 -10.17 23.45 -3.04
CA PHE B 329 -10.23 24.12 -4.33
C PHE B 329 -11.66 24.14 -4.83
N ALA B 330 -11.86 24.82 -5.96
CA ALA B 330 -13.16 24.89 -6.63
C ALA B 330 -12.90 24.62 -8.12
N LYS B 331 -13.18 23.41 -8.55
CA LYS B 331 -12.92 22.98 -9.92
C LYS B 331 -14.22 22.91 -10.70
N THR B 332 -14.22 23.51 -11.89
CA THR B 332 -15.40 23.49 -12.76
C THR B 332 -14.95 23.25 -14.20
N GLU B 333 -15.66 22.36 -14.89
CA GLU B 333 -15.41 22.07 -16.29
C GLU B 333 -16.71 22.19 -17.07
N VAL B 334 -16.64 22.80 -18.25
CA VAL B 334 -17.80 22.99 -19.11
C VAL B 334 -17.49 22.41 -20.47
N GLU B 335 -18.37 21.56 -20.98
CA GLU B 335 -18.21 20.94 -22.29
C GLU B 335 -19.45 21.20 -23.12
N ALA B 336 -19.26 21.70 -24.34
CA ALA B 336 -20.36 21.96 -25.26
C ALA B 336 -20.00 21.36 -26.61
N SER B 337 -20.91 20.54 -27.14
CA SER B 337 -20.69 19.86 -28.41
C SER B 337 -21.92 20.06 -29.30
N GLY B 338 -21.77 19.69 -30.56
CA GLY B 338 -22.87 19.81 -31.50
C GLY B 338 -22.52 19.18 -32.83
N ALA B 339 -23.53 19.08 -33.69
CA ALA B 339 -23.36 18.52 -35.02
C ALA B 339 -24.50 19.00 -35.90
N LEU B 340 -24.17 19.42 -37.11
CA LEU B 340 -25.16 19.94 -38.05
C LEU B 340 -25.16 19.11 -39.32
N PRO B 341 -26.24 18.40 -39.62
CA PRO B 341 -26.27 17.61 -40.86
C PRO B 341 -26.20 18.50 -42.09
N VAL B 342 -25.53 17.99 -43.13
CA VAL B 342 -25.37 18.70 -44.39
C VAL B 342 -25.92 17.77 -45.47
N ALA B 343 -27.06 18.13 -46.05
CA ALA B 343 -27.69 17.31 -47.07
C ALA B 343 -27.43 17.91 -48.45
N ILE B 344 -26.77 17.15 -49.31
CA ILE B 344 -26.55 17.59 -50.69
C ILE B 344 -27.89 17.59 -51.42
N PRO B 345 -28.30 18.69 -52.05
CA PRO B 345 -29.61 18.70 -52.73
C PRO B 345 -29.74 17.65 -53.82
N GLY B 346 -28.64 17.28 -54.47
CA GLY B 346 -28.71 16.25 -55.51
C GLY B 346 -29.16 14.92 -54.96
N LEU B 347 -28.61 14.52 -53.81
CA LEU B 347 -28.99 13.26 -53.18
C LEU B 347 -30.26 13.45 -52.36
N ALA B 348 -31.00 12.35 -52.18
CA ALA B 348 -32.24 12.36 -51.44
C ALA B 348 -32.07 11.65 -50.10
N GLY B 349 -32.92 12.02 -49.15
CA GLY B 349 -32.88 11.40 -47.84
C GLY B 349 -31.69 11.87 -47.02
N LYS B 350 -31.33 11.02 -46.04
CA LYS B 350 -30.21 11.32 -45.16
C LYS B 350 -28.90 11.14 -45.92
N SER B 351 -28.21 12.25 -46.19
CA SER B 351 -26.94 12.17 -46.89
C SER B 351 -25.85 11.54 -46.03
N GLY B 352 -25.87 11.81 -44.73
CA GLY B 352 -24.86 11.32 -43.82
C GLY B 352 -23.72 12.29 -43.57
N VAL B 353 -23.61 13.35 -44.35
CA VAL B 353 -22.55 14.33 -44.18
C VAL B 353 -22.97 15.32 -43.09
N SER B 354 -22.13 15.48 -42.07
CA SER B 354 -22.39 16.43 -41.01
C SER B 354 -21.09 17.16 -40.66
N VAL B 355 -21.25 18.37 -40.13
CA VAL B 355 -20.13 19.19 -39.71
C VAL B 355 -20.29 19.42 -38.21
N GLY B 356 -19.54 18.66 -37.41
CA GLY B 356 -19.64 18.74 -35.97
C GLY B 356 -18.69 19.76 -35.36
N GLY B 357 -18.59 19.71 -34.04
CA GLY B 357 -17.72 20.62 -33.33
C GLY B 357 -17.74 20.30 -31.84
N GLY B 358 -16.92 21.04 -31.11
CA GLY B 358 -16.84 20.85 -29.67
C GLY B 358 -16.03 21.94 -29.03
N LEU B 359 -16.16 22.02 -27.70
CA LEU B 359 -15.44 23.02 -26.92
C LEU B 359 -15.48 22.62 -25.46
N ARG B 360 -14.30 22.56 -24.83
CA ARG B 360 -14.19 22.21 -23.43
C ARG B 360 -13.35 23.25 -22.71
N LEU B 361 -13.80 23.65 -21.53
CA LEU B 361 -13.10 24.62 -20.70
C LEU B 361 -13.02 24.10 -19.27
N GLY B 362 -12.01 24.55 -18.54
CA GLY B 362 -11.85 24.15 -17.16
C GLY B 362 -10.99 25.10 -16.36
N VAL B 363 -11.38 25.37 -15.12
CA VAL B 363 -10.64 26.26 -14.23
C VAL B 363 -10.52 25.57 -12.87
N LEU B 364 -9.31 25.58 -12.32
CA LEU B 364 -9.05 25.01 -10.99
C LEU B 364 -8.61 26.16 -10.10
N TYR B 365 -9.47 26.56 -9.17
CA TYR B 365 -9.23 27.73 -8.33
C TYR B 365 -8.85 27.30 -6.92
N PRO B 366 -7.61 27.53 -6.48
CA PRO B 366 -7.26 27.20 -5.10
C PRO B 366 -8.05 28.03 -4.10
N LEU B 367 -8.41 27.42 -2.99
CA LEU B 367 -9.19 28.07 -1.95
C LEU B 367 -8.58 27.80 -0.59
N PRO B 368 -8.78 28.70 0.37
CA PRO B 368 -8.32 28.44 1.73
C PRO B 368 -9.18 27.40 2.42
N LEU B 369 -8.61 26.79 3.46
CA LEU B 369 -9.32 25.83 4.29
C LEU B 369 -9.99 26.57 5.44
N GLY B 370 -11.31 26.58 5.46
CA GLY B 370 -12.06 27.27 6.47
C GLY B 370 -13.34 27.83 5.87
N TYR B 371 -13.96 28.76 6.62
CA TYR B 371 -15.21 29.36 6.21
C TYR B 371 -15.03 30.75 5.62
N SER B 372 -13.79 31.16 5.35
CA SER B 372 -13.49 32.48 4.83
C SER B 372 -13.04 32.38 3.38
N LEU B 373 -13.58 33.25 2.54
CA LEU B 373 -13.18 33.31 1.14
C LEU B 373 -11.88 34.09 0.93
N THR B 374 -11.42 34.83 1.94
CA THR B 374 -10.18 35.59 1.86
C THR B 374 -9.18 34.98 2.83
N GLY B 375 -8.21 34.27 2.29
CA GLY B 375 -7.19 33.64 3.11
C GLY B 375 -6.15 32.99 2.24
N ALA B 376 -5.09 32.51 2.89
CA ALA B 376 -4.00 31.86 2.19
C ALA B 376 -4.46 30.52 1.63
N ALA B 377 -4.14 30.27 0.37
CA ALA B 377 -4.53 29.05 -0.33
C ALA B 377 -3.29 28.33 -0.83
N GLN B 378 -3.28 27.01 -0.69
CA GLN B 378 -2.18 26.20 -1.17
C GLN B 378 -2.30 25.96 -2.67
N PRO B 379 -1.19 25.83 -3.38
CA PRO B 379 -1.23 25.48 -4.80
C PRO B 379 -1.75 24.06 -5.00
N SER B 380 -2.28 23.83 -6.19
CA SER B 380 -2.87 22.53 -6.50
C SER B 380 -1.81 21.45 -6.61
N ARG B 381 -2.26 20.21 -6.49
CA ARG B 381 -1.40 19.03 -6.59
C ARG B 381 -1.66 18.30 -7.89
N ILE B 382 -0.75 17.40 -8.23
CA ILE B 382 -0.86 16.65 -9.47
C ILE B 382 -2.07 15.73 -9.48
N ASN B 383 -2.63 15.42 -8.31
CA ASN B 383 -3.84 14.60 -8.26
C ASN B 383 -5.02 15.33 -8.90
N ASP B 384 -5.12 16.64 -8.68
CA ASP B 384 -6.32 17.39 -9.06
C ASP B 384 -6.16 18.17 -10.35
N ARG B 385 -4.93 18.44 -10.79
CA ARG B 385 -4.74 19.24 -11.99
C ARG B 385 -5.26 18.51 -13.23
N PHE B 386 -5.69 19.29 -14.21
CA PHE B 386 -6.27 18.74 -15.42
C PHE B 386 -5.20 18.07 -16.28
N GLN B 387 -5.65 17.18 -17.16
CA GLN B 387 -4.80 16.52 -18.14
C GLN B 387 -5.40 16.68 -19.52
N LEU B 388 -4.55 16.90 -20.52
CA LEU B 388 -5.00 17.13 -21.88
C LEU B 388 -4.15 16.31 -22.84
N GLY B 389 -4.77 15.89 -23.94
CA GLY B 389 -4.10 15.10 -24.95
C GLY B 389 -4.55 13.65 -24.93
N GLY B 390 -4.59 13.05 -26.11
CA GLY B 390 -4.98 11.65 -26.25
C GLY B 390 -6.05 11.44 -27.29
N PRO B 391 -6.42 10.18 -27.52
CA PRO B 391 -7.50 9.92 -28.50
C PRO B 391 -8.87 10.39 -28.02
N ASN B 392 -9.21 10.18 -26.75
CA ASN B 392 -10.45 10.70 -26.19
C ASN B 392 -10.35 12.18 -25.87
N ASP B 393 -9.21 12.79 -26.13
CA ASP B 393 -8.95 14.20 -25.86
C ASP B 393 -8.46 14.79 -27.18
N VAL B 394 -7.83 15.95 -27.12
CA VAL B 394 -7.19 16.54 -28.30
C VAL B 394 -6.37 15.47 -28.98
N ARG B 395 -6.72 15.16 -30.23
CA ARG B 395 -6.09 14.06 -30.94
C ARG B 395 -4.75 14.50 -31.52
N GLY B 396 -3.97 13.52 -31.96
CA GLY B 396 -2.64 13.79 -32.47
C GLY B 396 -1.57 13.91 -31.41
N PHE B 397 -1.90 13.65 -30.16
CA PHE B 397 -0.96 13.79 -29.05
C PHE B 397 -1.03 12.55 -28.16
N LYS B 398 0.08 12.30 -27.47
CA LYS B 398 0.13 11.21 -26.51
C LYS B 398 -0.85 11.46 -25.38
N ILE B 399 -1.27 10.38 -24.72
CA ILE B 399 -2.12 10.49 -23.55
C ILE B 399 -1.44 11.40 -22.54
N GLY B 400 -2.10 12.51 -22.22
CA GLY B 400 -1.45 13.54 -21.43
C GLY B 400 -0.30 14.22 -22.14
N GLY B 401 -0.41 14.40 -23.45
CA GLY B 401 0.64 14.99 -24.24
C GLY B 401 0.66 16.50 -24.28
N LEU B 402 -0.27 17.16 -23.61
CA LEU B 402 -0.35 18.61 -23.59
C LEU B 402 -0.12 19.12 -22.17
N GLY B 403 0.32 20.37 -22.06
CA GLY B 403 0.48 21.00 -20.77
C GLY B 403 1.91 20.97 -20.29
N PRO B 404 2.13 21.40 -19.05
CA PRO B 404 3.48 21.39 -18.49
C PRO B 404 4.04 19.97 -18.42
N HIS B 405 5.33 19.84 -18.69
CA HIS B 405 6.00 18.54 -18.70
C HIS B 405 7.32 18.68 -17.95
N ASP B 406 7.43 18.00 -16.81
CA ASP B 406 8.67 17.95 -16.04
C ASP B 406 9.46 16.76 -16.53
N GLY B 407 10.43 17.00 -17.41
CA GLY B 407 11.14 15.92 -18.05
C GLY B 407 10.24 15.14 -18.97
N VAL B 408 10.01 13.85 -18.65
CA VAL B 408 9.07 13.04 -19.41
C VAL B 408 7.70 12.97 -18.74
N ASP B 409 7.61 13.24 -17.44
CA ASP B 409 6.35 13.17 -16.75
C ASP B 409 5.42 14.29 -17.20
N ALA B 410 4.14 13.96 -17.33
CA ALA B 410 3.13 14.90 -17.79
C ALA B 410 2.37 15.44 -16.58
N VAL B 411 2.96 16.44 -15.94
CA VAL B 411 2.27 17.12 -14.85
C VAL B 411 1.10 17.93 -15.42
N GLY B 412 0.11 18.18 -14.57
CA GLY B 412 -1.13 18.77 -15.01
C GLY B 412 -1.07 20.28 -15.11
N GLY B 413 -2.24 20.86 -15.39
CA GLY B 413 -2.39 22.29 -15.42
C GLY B 413 -3.64 22.70 -14.64
N ASP B 414 -3.78 24.01 -14.45
CA ASP B 414 -4.89 24.55 -13.67
C ASP B 414 -6.05 25.02 -14.53
N VAL B 415 -5.78 25.57 -15.71
CA VAL B 415 -6.82 25.94 -16.65
C VAL B 415 -6.52 25.29 -17.99
N PHE B 416 -7.57 25.07 -18.77
CA PHE B 416 -7.41 24.47 -20.09
C PHE B 416 -8.56 24.89 -20.98
N ALA B 417 -8.34 24.76 -22.29
CA ALA B 417 -9.35 25.14 -23.28
C ALA B 417 -9.09 24.32 -24.53
N ALA B 418 -9.94 23.32 -24.78
CA ALA B 418 -9.82 22.46 -25.94
C ALA B 418 -10.94 22.74 -26.93
N GLY B 419 -10.71 22.36 -28.18
CA GLY B 419 -11.70 22.56 -29.22
C GLY B 419 -11.54 21.52 -30.31
N SER B 420 -12.56 21.40 -31.15
CA SER B 420 -12.57 20.40 -32.20
C SER B 420 -13.51 20.84 -33.31
N VAL B 421 -13.12 20.53 -34.55
CA VAL B 421 -13.98 20.75 -35.71
C VAL B 421 -13.85 19.54 -36.62
N ASN B 422 -14.84 18.66 -36.59
CA ASN B 422 -14.82 17.44 -37.39
C ASN B 422 -15.91 17.46 -38.45
N ALA B 423 -15.84 16.49 -39.36
CA ALA B 423 -16.81 16.39 -40.44
C ALA B 423 -16.91 14.92 -40.85
N LEU B 424 -17.96 14.26 -40.37
CA LEU B 424 -18.20 12.87 -40.74
C LEU B 424 -18.61 12.77 -42.21
N LEU B 425 -18.09 11.75 -42.89
CA LEU B 425 -18.39 11.52 -44.29
C LEU B 425 -18.75 10.05 -44.51
N PRO B 426 -19.77 9.77 -45.32
CA PRO B 426 -20.16 8.38 -45.55
C PRO B 426 -19.26 7.69 -46.56
N LEU B 427 -18.99 6.41 -46.31
CA LEU B 427 -18.15 5.64 -47.20
C LEU B 427 -18.90 5.30 -48.49
N PRO B 428 -18.20 5.22 -49.61
CA PRO B 428 -18.87 4.89 -50.88
C PRO B 428 -19.37 3.45 -50.87
N ARG B 429 -20.45 3.23 -51.64
CA ARG B 429 -21.10 1.93 -51.73
C ARG B 429 -21.51 1.41 -50.35
N THR B 430 -21.93 2.32 -49.48
CA THR B 430 -22.35 1.97 -48.13
C THR B 430 -23.46 2.90 -47.72
N GLY B 431 -24.50 2.34 -47.11
CA GLY B 431 -25.66 3.11 -46.70
C GLY B 431 -25.35 4.12 -45.62
N PRO B 432 -26.09 5.22 -45.59
CA PRO B 432 -25.89 6.21 -44.51
C PRO B 432 -26.16 5.65 -43.13
N ASP B 433 -27.07 4.69 -43.01
CA ASP B 433 -27.38 4.08 -41.72
C ASP B 433 -26.25 3.22 -41.17
N SER B 434 -25.25 2.91 -41.99
CA SER B 434 -24.15 2.07 -41.54
C SER B 434 -23.33 2.81 -40.48
N PRO B 435 -22.88 2.12 -39.43
CA PRO B 435 -22.06 2.80 -38.41
C PRO B 435 -20.72 3.30 -38.91
N LEU B 436 -20.21 2.76 -40.02
CA LEU B 436 -18.93 3.21 -40.54
C LEU B 436 -19.05 4.63 -41.08
N ARG B 437 -18.02 5.44 -40.82
CA ARG B 437 -17.99 6.81 -41.30
C ARG B 437 -16.55 7.30 -41.32
N LEU B 438 -16.29 8.24 -42.22
CA LEU B 438 -14.96 8.82 -42.42
C LEU B 438 -14.93 10.20 -41.80
N GLN B 439 -13.87 10.50 -41.05
CA GLN B 439 -13.81 11.71 -40.23
C GLN B 439 -12.55 12.50 -40.53
N LEU B 440 -12.68 13.82 -40.62
CA LEU B 440 -11.57 14.74 -40.69
C LEU B 440 -11.70 15.72 -39.53
N TYR B 441 -10.66 15.82 -38.71
CA TYR B 441 -10.72 16.61 -37.49
C TYR B 441 -9.62 17.65 -37.46
N ALA B 442 -9.82 18.67 -36.63
CA ALA B 442 -8.88 19.78 -36.46
C ALA B 442 -8.73 20.11 -34.98
N ASN B 443 -8.43 19.10 -34.16
CA ASN B 443 -8.37 19.28 -32.72
C ASN B 443 -7.32 20.31 -32.32
N ALA B 444 -7.63 21.09 -31.29
CA ALA B 444 -6.71 22.05 -30.71
C ALA B 444 -6.97 22.13 -29.22
N GLY B 445 -5.96 22.55 -28.47
CA GLY B 445 -6.10 22.64 -27.03
C GLY B 445 -4.94 23.37 -26.39
N ARG B 446 -5.20 23.85 -25.18
CA ARG B 446 -4.19 24.51 -24.35
C ARG B 446 -4.32 24.02 -22.92
N LEU B 447 -3.22 24.05 -22.20
CA LEU B 447 -3.22 23.61 -20.79
C LEU B 447 -2.06 24.30 -20.09
N VAL B 448 -2.39 25.27 -19.23
CA VAL B 448 -1.38 26.04 -18.52
C VAL B 448 -1.56 25.84 -17.03
N ALA B 449 -0.49 26.11 -16.28
CA ALA B 449 -0.47 25.93 -14.84
C ALA B 449 -0.31 27.26 -14.14
N LEU B 450 -0.89 27.34 -12.94
CA LEU B 450 -0.85 28.57 -12.15
C LEU B 450 0.51 28.74 -11.48
N ASN B 451 0.99 29.98 -11.44
CA ASN B 451 2.20 30.30 -10.69
C ASN B 451 2.09 31.73 -10.17
N SER B 452 2.88 32.03 -9.15
CA SER B 452 2.86 33.32 -8.48
C SER B 452 4.04 34.19 -8.89
N LYS B 453 4.40 34.18 -10.18
CA LYS B 453 5.51 35.00 -10.65
C LYS B 453 5.23 36.48 -10.43
N GLY B 454 4.01 36.92 -10.73
CA GLY B 454 3.65 38.32 -10.60
C GLY B 454 3.71 38.83 -9.17
N THR B 455 3.22 38.04 -8.22
CA THR B 455 3.22 38.46 -6.82
C THR B 455 4.64 38.50 -6.28
N ASP B 456 4.94 39.54 -5.50
CA ASP B 456 6.23 39.71 -4.89
C ASP B 456 6.14 39.50 -3.38
N LYS B 457 7.30 39.29 -2.77
CA LYS B 457 7.43 39.07 -1.32
C LYS B 457 6.58 37.87 -0.88
N GLU B 458 6.97 36.70 -1.42
CA GLU B 458 6.30 35.47 -1.05
C GLU B 458 6.49 35.16 0.43
N GLY B 459 7.67 35.41 0.96
CA GLY B 459 7.94 35.13 2.36
C GLY B 459 8.71 33.85 2.55
N LYS B 460 9.37 33.74 3.71
CA LYS B 460 10.14 32.54 4.01
C LYS B 460 9.24 31.31 4.06
N GLU B 461 8.08 31.43 4.70
CA GLU B 461 7.09 30.37 4.64
C GLU B 461 6.43 30.36 3.28
N GLY B 462 6.56 29.24 2.57
CA GLY B 462 6.08 29.18 1.20
C GLY B 462 4.86 28.29 1.02
N LEU B 463 4.48 28.05 -0.24
CA LEU B 463 3.33 27.23 -0.59
C LEU B 463 2.05 27.76 0.04
N ALA B 464 1.93 29.08 0.16
CA ALA B 464 0.73 29.71 0.72
C ALA B 464 0.54 31.04 0.01
N MET B 465 -0.46 31.10 -0.86
CA MET B 465 -0.74 32.29 -1.65
C MET B 465 -2.00 32.96 -1.13
N ASP B 466 -1.93 34.28 -0.93
CA ASP B 466 -3.10 35.02 -0.48
C ASP B 466 -4.12 35.14 -1.60
N SER B 467 -5.27 35.72 -1.26
CA SER B 467 -6.38 35.80 -2.21
C SER B 467 -6.00 36.62 -3.43
N ALA B 468 -5.33 37.75 -3.23
CA ALA B 468 -4.92 38.60 -4.34
C ALA B 468 -3.92 37.87 -5.24
N ALA B 469 -2.97 37.15 -4.64
CA ALA B 469 -1.99 36.40 -5.42
C ALA B 469 -2.67 35.31 -6.25
N VAL B 470 -3.61 34.59 -5.64
CA VAL B 470 -4.31 33.53 -6.37
C VAL B 470 -5.14 34.11 -7.51
N PHE B 471 -5.81 35.23 -7.24
CA PHE B 471 -6.62 35.86 -8.29
C PHE B 471 -5.75 36.35 -9.44
N LYS B 472 -4.61 36.96 -9.13
CA LYS B 472 -3.70 37.42 -10.17
C LYS B 472 -3.14 36.24 -10.97
N GLY B 473 -2.79 35.15 -10.28
CA GLY B 473 -2.30 33.98 -10.98
C GLY B 473 -3.34 33.38 -11.90
N VAL B 474 -4.59 33.32 -11.44
CA VAL B 474 -5.67 32.79 -12.29
C VAL B 474 -5.87 33.69 -13.50
N LYS B 475 -5.85 35.01 -13.30
CA LYS B 475 -6.00 35.93 -14.42
C LYS B 475 -4.88 35.75 -15.43
N SER B 476 -3.65 35.63 -14.96
CA SER B 476 -2.52 35.44 -15.86
C SER B 476 -2.62 34.12 -16.59
N ALA B 477 -3.03 33.05 -15.89
CA ALA B 477 -3.17 31.76 -16.53
C ALA B 477 -4.24 31.79 -17.61
N VAL B 478 -5.36 32.46 -17.35
CA VAL B 478 -6.41 32.56 -18.36
C VAL B 478 -5.95 33.41 -19.54
N GLY B 479 -5.21 34.48 -19.26
CA GLY B 479 -4.67 35.30 -20.33
C GLY B 479 -3.66 34.56 -21.20
N LYS B 480 -2.91 33.64 -20.61
CA LYS B 480 -1.94 32.87 -21.39
C LYS B 480 -2.59 31.98 -22.43
N LEU B 481 -3.89 31.70 -22.29
CA LEU B 481 -4.59 30.93 -23.32
C LEU B 481 -4.77 31.73 -24.59
N THR B 482 -4.98 33.05 -24.47
CA THR B 482 -5.35 33.87 -25.62
C THR B 482 -4.16 34.15 -26.54
N ASN B 483 -2.97 34.35 -25.97
CA ASN B 483 -1.80 34.70 -26.77
C ASN B 483 -1.12 33.44 -27.28
N GLY B 484 -0.83 33.42 -28.58
CA GLY B 484 -0.17 32.29 -29.18
C GLY B 484 -1.16 31.29 -29.77
N ILE B 485 -0.70 30.59 -30.80
CA ILE B 485 -1.52 29.56 -31.43
C ILE B 485 -1.64 28.36 -30.49
N PRO B 486 -2.83 27.82 -30.28
CA PRO B 486 -2.96 26.65 -29.40
C PRO B 486 -2.33 25.41 -30.02
N SER B 487 -1.98 24.47 -29.16
CA SER B 487 -1.46 23.19 -29.62
C SER B 487 -2.48 22.50 -30.51
N LEU B 488 -2.18 22.38 -31.80
CA LEU B 488 -3.15 21.98 -32.80
C LEU B 488 -2.64 20.77 -33.58
N ALA B 489 -3.57 19.87 -33.91
CA ALA B 489 -3.26 18.70 -34.72
C ALA B 489 -4.44 18.40 -35.62
N ALA B 490 -4.17 17.89 -36.81
CA ALA B 490 -5.20 17.55 -37.78
C ALA B 490 -4.89 16.20 -38.39
N GLY B 491 -5.94 15.52 -38.84
CA GLY B 491 -5.77 14.22 -39.46
C GLY B 491 -7.10 13.66 -39.91
N VAL B 492 -7.03 12.49 -40.55
CA VAL B 492 -8.19 11.80 -41.07
C VAL B 492 -8.24 10.41 -40.46
N GLY B 493 -9.43 9.81 -40.47
CA GLY B 493 -9.58 8.48 -39.93
C GLY B 493 -11.00 8.00 -40.05
N LEU B 494 -11.20 6.74 -39.66
CA LEU B 494 -12.50 6.08 -39.71
C LEU B 494 -13.03 5.91 -38.29
N VAL B 495 -14.33 6.14 -38.12
CA VAL B 495 -14.98 6.06 -36.82
C VAL B 495 -16.06 4.99 -36.89
N TYR B 496 -16.04 4.07 -35.93
CA TYR B 496 -17.02 2.99 -35.83
C TYR B 496 -18.03 3.33 -34.74
N ALA B 497 -19.30 3.32 -35.10
CA ALA B 497 -20.37 3.67 -34.18
C ALA B 497 -20.99 2.41 -33.55
N HIS B 498 -20.16 1.68 -32.81
CA HIS B 498 -20.66 0.55 -32.07
C HIS B 498 -21.52 1.03 -30.92
N PRO B 499 -22.72 0.49 -30.73
CA PRO B 499 -23.64 1.06 -29.72
C PRO B 499 -23.09 1.10 -28.31
N VAL B 500 -22.31 0.09 -27.90
CA VAL B 500 -21.80 0.09 -26.53
C VAL B 500 -20.73 1.14 -26.35
N ALA B 501 -19.86 1.33 -27.34
CA ALA B 501 -18.77 2.29 -27.25
C ALA B 501 -18.26 2.59 -28.65
N ARG B 502 -17.81 3.84 -28.83
CA ARG B 502 -17.32 4.27 -30.13
C ARG B 502 -15.89 3.83 -30.35
N PHE B 503 -15.61 3.34 -31.55
CA PHE B 503 -14.27 2.94 -31.96
C PHE B 503 -13.79 3.88 -33.07
N GLU B 504 -12.50 4.23 -33.03
CA GLU B 504 -11.98 5.22 -33.95
C GLU B 504 -10.48 5.00 -34.15
N LEU B 505 -10.06 4.97 -35.41
CA LEU B 505 -8.65 4.86 -35.78
C LEU B 505 -8.36 5.93 -36.81
N ASN B 506 -7.39 6.80 -36.53
CA ASN B 506 -7.10 7.93 -37.40
C ASN B 506 -5.60 8.09 -37.59
N PHE B 507 -5.23 8.73 -38.70
CA PHE B 507 -3.85 9.07 -39.02
C PHE B 507 -3.65 10.54 -38.68
N SER B 508 -2.92 10.81 -37.61
CA SER B 508 -2.75 12.16 -37.09
C SER B 508 -1.48 12.81 -37.61
N LEU B 509 -1.39 14.12 -37.45
CA LEU B 509 -0.23 14.90 -37.86
C LEU B 509 -0.18 16.20 -37.08
N PRO B 510 0.58 16.25 -35.98
CA PRO B 510 0.66 17.48 -35.19
C PRO B 510 1.21 18.64 -36.00
N LEU B 511 0.66 19.83 -35.77
CA LEU B 511 1.06 21.03 -36.48
C LEU B 511 1.73 22.06 -35.59
N VAL B 512 1.11 22.43 -34.49
CA VAL B 512 1.65 23.41 -33.56
C VAL B 512 1.62 22.80 -32.17
N LEU B 513 2.73 22.90 -31.45
CA LEU B 513 2.78 22.45 -30.06
C LEU B 513 3.94 23.13 -29.36
N ARG B 514 3.85 23.16 -28.03
CA ARG B 514 4.92 23.70 -27.21
C ARG B 514 6.02 22.67 -27.02
N ARG B 515 7.23 23.14 -26.75
CA ARG B 515 8.34 22.24 -26.50
C ARG B 515 8.08 21.43 -25.25
N GLY B 516 8.50 20.16 -25.27
CA GLY B 516 8.25 19.26 -24.18
C GLY B 516 6.93 18.52 -24.26
N GLU B 517 6.08 18.86 -25.22
CA GLU B 517 4.82 18.16 -25.42
C GLU B 517 5.02 17.01 -26.40
N GLU B 518 4.19 15.99 -26.26
CA GLU B 518 4.33 14.76 -27.02
C GLU B 518 3.19 14.62 -28.03
N GLY B 519 3.55 14.41 -29.29
CA GLY B 519 2.56 14.19 -30.33
C GLY B 519 2.86 12.95 -31.13
N ARG B 520 1.80 12.30 -31.60
CA ARG B 520 1.90 11.07 -32.37
C ARG B 520 1.62 11.39 -33.83
N LYS B 521 2.58 11.06 -34.71
CA LYS B 521 2.46 11.35 -36.13
C LYS B 521 1.90 10.18 -36.94
N GLY B 522 1.70 9.01 -36.32
CA GLY B 522 1.26 7.84 -37.01
C GLY B 522 -0.18 7.49 -36.73
N LEU B 523 -0.51 6.21 -36.94
CA LEU B 523 -1.86 5.73 -36.66
C LEU B 523 -2.09 5.67 -35.16
N GLN B 524 -3.21 6.25 -34.72
CA GLN B 524 -3.59 6.25 -33.32
C GLN B 524 -5.02 5.75 -33.20
N VAL B 525 -5.24 4.78 -32.33
CA VAL B 525 -6.55 4.19 -32.14
C VAL B 525 -7.21 4.81 -30.92
N GLY B 526 -8.53 4.86 -30.94
CA GLY B 526 -9.28 5.43 -29.84
C GLY B 526 -10.60 4.74 -29.58
N VAL B 527 -10.82 4.32 -28.34
CA VAL B 527 -12.05 3.66 -27.93
C VAL B 527 -12.60 4.39 -26.71
N GLY B 528 -13.90 4.25 -26.50
CA GLY B 528 -14.57 4.85 -25.38
C GLY B 528 -15.88 5.48 -25.82
N ILE B 529 -16.46 6.26 -24.92
CA ILE B 529 -17.73 6.92 -25.19
C ILE B 529 -17.62 8.43 -25.24
N SER B 530 -16.56 9.03 -24.70
CA SER B 530 -16.38 10.47 -24.69
C SER B 530 -15.26 10.85 -25.64
N PHE B 531 -15.57 11.67 -26.63
CA PHE B 531 -14.60 12.15 -27.60
C PHE B 531 -14.77 13.65 -27.79
N LEU B 532 -13.65 14.32 -28.06
CA LEU B 532 -13.66 15.76 -28.26
C LEU B 532 -14.33 16.14 -29.58
N GLY C 40 15.61 -31.99 38.28
CA GLY C 40 15.19 -31.18 37.15
C GLY C 40 14.64 -29.84 37.56
N ALA C 41 15.50 -28.98 38.12
CA ALA C 41 15.06 -27.66 38.55
C ALA C 41 14.60 -26.82 37.36
N VAL C 42 15.33 -26.88 36.25
CA VAL C 42 15.01 -26.13 35.04
C VAL C 42 14.87 -27.11 33.89
N GLN C 43 13.88 -26.86 33.03
CA GLN C 43 13.61 -27.70 31.88
C GLN C 43 13.74 -26.86 30.61
N LEU C 44 14.54 -27.34 29.67
CA LEU C 44 14.80 -26.62 28.42
C LEU C 44 14.03 -27.30 27.29
N HIS C 45 13.12 -26.55 26.68
CA HIS C 45 12.32 -27.06 25.57
C HIS C 45 13.03 -26.70 24.26
N VAL C 46 13.47 -27.71 23.52
CA VAL C 46 14.24 -27.53 22.31
C VAL C 46 13.66 -28.42 21.21
N TRP C 47 14.12 -28.18 19.99
CA TRP C 47 13.79 -29.05 18.87
C TRP C 47 14.43 -30.42 19.07
N GLY C 48 13.99 -31.38 18.26
CA GLY C 48 14.54 -32.72 18.31
C GLY C 48 15.91 -32.81 17.69
N PRO C 49 16.62 -33.89 17.97
CA PRO C 49 17.94 -34.07 17.37
C PRO C 49 17.88 -34.26 15.86
N ALA C 50 18.93 -33.81 15.19
CA ALA C 50 19.03 -33.94 13.75
C ALA C 50 20.49 -33.80 13.34
N PHE C 51 20.83 -34.40 12.19
CA PHE C 51 22.17 -34.31 11.61
C PHE C 51 23.24 -34.78 12.59
N GLY C 52 22.94 -35.77 13.41
CA GLY C 52 23.88 -36.22 14.42
C GLY C 52 24.22 -35.18 15.45
N LEU C 53 23.27 -34.31 15.79
CA LEU C 53 23.44 -33.25 16.76
C LEU C 53 22.26 -33.27 17.73
N PRO C 54 22.45 -32.77 18.95
CA PRO C 54 21.35 -32.76 19.91
C PRO C 54 20.13 -31.98 19.47
N SER C 55 20.27 -31.02 18.56
CA SER C 55 19.13 -30.25 18.09
C SER C 55 19.40 -29.79 16.66
N ILE C 56 18.31 -29.41 15.97
CA ILE C 56 18.40 -28.95 14.60
C ILE C 56 18.49 -27.42 14.51
N ASP C 57 17.97 -26.70 15.50
CA ASP C 57 18.01 -25.24 15.51
C ASP C 57 19.33 -24.77 16.13
N ALA C 58 19.86 -23.67 15.58
CA ALA C 58 21.15 -23.15 16.05
C ALA C 58 21.05 -22.66 17.49
N GLU C 59 20.01 -21.88 17.80
CA GLU C 59 19.86 -21.35 19.15
C GLU C 59 19.57 -22.48 20.15
N CYS C 60 18.76 -23.46 19.75
CA CYS C 60 18.50 -24.60 20.62
C CYS C 60 19.77 -25.40 20.88
N LEU C 61 20.59 -25.61 19.86
CA LEU C 61 21.85 -26.32 20.04
C LEU C 61 22.78 -25.54 20.95
N ALA C 62 22.82 -24.21 20.78
CA ALA C 62 23.66 -23.38 21.66
C ALA C 62 23.19 -23.46 23.10
N ALA C 63 21.88 -23.42 23.33
CA ALA C 63 21.36 -23.53 24.68
C ALA C 63 21.67 -24.89 25.29
N ILE C 64 21.55 -25.96 24.49
CA ILE C 64 21.88 -27.30 24.97
C ILE C 64 23.35 -27.37 25.36
N ALA C 65 24.23 -26.81 24.52
CA ALA C 65 25.66 -26.82 24.83
C ALA C 65 25.95 -26.03 26.09
N TYR C 66 25.33 -24.87 26.26
CA TYR C 66 25.55 -24.06 27.45
C TYR C 66 25.10 -24.82 28.70
N LEU C 67 23.92 -25.44 28.65
CA LEU C 67 23.43 -26.19 29.80
C LEU C 67 24.35 -27.37 30.12
N ALA C 68 24.80 -28.09 29.08
CA ALA C 68 25.67 -29.24 29.30
C ALA C 68 27.00 -28.80 29.92
N GLN C 69 27.55 -27.68 29.46
CA GLN C 69 28.82 -27.22 29.98
C GLN C 69 28.74 -26.61 31.38
N THR C 70 27.61 -25.99 31.73
CA THR C 70 27.52 -25.32 33.02
C THR C 70 26.81 -26.17 34.07
N LEU C 71 25.57 -26.57 33.81
CA LEU C 71 24.79 -27.25 34.82
C LEU C 71 25.22 -28.71 34.94
N GLY C 72 24.85 -29.32 36.06
CA GLY C 72 25.11 -30.74 36.26
C GLY C 72 24.19 -31.61 35.44
N SER C 73 24.53 -32.91 35.40
CA SER C 73 23.76 -33.84 34.59
C SER C 73 22.32 -33.96 35.10
N ALA C 74 22.14 -34.00 36.42
CA ALA C 74 20.83 -34.22 37.02
C ALA C 74 20.12 -32.93 37.40
N ASP C 75 20.70 -31.76 37.09
CA ASP C 75 20.11 -30.50 37.48
C ASP C 75 19.21 -29.88 36.42
N TYR C 76 19.09 -30.50 35.25
CA TYR C 76 18.24 -29.99 34.19
C TYR C 76 17.72 -31.14 33.35
N GLN C 77 16.66 -30.87 32.60
CA GLN C 77 16.05 -31.85 31.71
C GLN C 77 15.83 -31.24 30.34
N LEU C 78 16.07 -32.04 29.30
CA LEU C 78 15.87 -31.62 27.92
C LEU C 78 14.56 -32.22 27.41
N ILE C 79 13.71 -31.38 26.82
CA ILE C 79 12.40 -31.80 26.33
C ILE C 79 12.31 -31.43 24.86
N GLN C 80 12.15 -32.43 24.00
CA GLN C 80 11.91 -32.19 22.60
C GLN C 80 10.51 -31.62 22.41
N SER C 81 10.41 -30.52 21.68
CA SER C 81 9.13 -29.81 21.58
C SER C 81 9.10 -29.02 20.29
N SER C 82 8.05 -28.22 20.13
CA SER C 82 7.83 -27.34 18.99
C SER C 82 7.29 -26.02 19.53
N PRO C 83 7.40 -24.94 18.75
CA PRO C 83 6.94 -23.64 19.27
C PRO C 83 5.50 -23.62 19.73
N SER C 84 4.64 -24.44 19.13
CA SER C 84 3.24 -24.49 19.56
C SER C 84 3.07 -25.17 20.91
N ALA C 85 4.07 -25.93 21.37
CA ALA C 85 3.94 -26.62 22.64
C ALA C 85 4.25 -25.73 23.84
N VAL C 86 4.86 -24.56 23.60
CA VAL C 86 5.26 -23.69 24.69
C VAL C 86 4.51 -22.37 24.59
N PRO C 87 4.13 -21.75 25.72
CA PRO C 87 3.44 -20.45 25.64
C PRO C 87 4.30 -19.34 25.08
N THR C 88 5.63 -19.47 25.11
CA THR C 88 6.48 -18.45 24.55
C THR C 88 6.46 -18.43 23.02
N GLN C 89 5.94 -19.48 22.40
CA GLN C 89 5.84 -19.58 20.93
C GLN C 89 7.20 -19.44 20.26
N HIS C 90 8.26 -19.81 20.96
CA HIS C 90 9.61 -19.58 20.46
C HIS C 90 10.57 -20.53 21.15
N LEU C 91 11.41 -21.20 20.38
CA LEU C 91 12.41 -22.11 20.91
C LEU C 91 13.81 -21.54 20.71
N PRO C 92 14.74 -21.80 21.65
CA PRO C 92 14.60 -22.60 22.86
C PRO C 92 13.84 -21.88 23.96
N THR C 93 13.18 -22.61 24.85
CA THR C 93 12.41 -22.03 25.94
C THR C 93 12.76 -22.76 27.23
N LEU C 94 13.05 -21.99 28.27
CA LEU C 94 13.39 -22.53 29.57
C LEU C 94 12.21 -22.36 30.52
N TYR C 95 11.85 -23.42 31.23
CA TYR C 95 10.80 -23.38 32.24
C TYR C 95 11.46 -23.63 33.60
N ASP C 96 11.55 -22.57 34.41
CA ASP C 96 12.16 -22.67 35.73
C ASP C 96 11.12 -23.21 36.69
N SER C 97 11.15 -24.54 36.91
CA SER C 97 10.15 -25.18 37.76
C SER C 97 10.22 -24.72 39.21
N ARG C 98 11.34 -24.10 39.63
CA ARG C 98 11.40 -23.55 40.98
C ARG C 98 10.43 -22.40 41.15
N THR C 99 10.24 -21.59 40.11
CA THR C 99 9.38 -20.42 40.16
C THR C 99 8.22 -20.52 39.17
N SER C 100 8.27 -21.47 38.23
CA SER C 100 7.28 -21.61 37.17
C SER C 100 7.29 -20.39 36.26
N THR C 101 8.46 -20.09 35.71
CA THR C 101 8.67 -18.96 34.82
C THR C 101 9.01 -19.48 33.42
N TRP C 102 8.42 -18.87 32.41
CA TRP C 102 8.69 -19.21 31.02
C TRP C 102 9.65 -18.17 30.44
N ILE C 103 10.83 -18.63 30.01
CA ILE C 103 11.84 -17.77 29.42
C ILE C 103 12.16 -18.29 28.03
N GLY C 104 12.04 -17.42 27.04
CA GLY C 104 12.26 -17.80 25.65
C GLY C 104 13.46 -17.05 25.07
N GLY C 105 14.24 -17.75 24.25
CA GLY C 105 15.40 -17.16 23.63
C GLY C 105 16.70 -17.53 24.32
N PHE C 106 17.75 -17.76 23.53
CA PHE C 106 19.03 -18.17 24.09
C PHE C 106 19.62 -17.09 25.00
N THR C 107 19.58 -15.84 24.55
CA THR C 107 20.14 -14.74 25.35
C THR C 107 19.37 -14.56 26.65
N SER C 108 18.04 -14.63 26.59
CA SER C 108 17.24 -14.49 27.80
C SER C 108 17.49 -15.66 28.74
N ILE C 109 17.64 -16.87 28.20
CA ILE C 109 17.90 -18.03 29.04
C ILE C 109 19.25 -17.88 29.74
N THR C 110 20.28 -17.46 29.00
CA THR C 110 21.60 -17.28 29.61
C THR C 110 21.58 -16.18 30.66
N ALA C 111 20.87 -15.08 30.38
CA ALA C 111 20.79 -14.00 31.36
C ALA C 111 20.06 -14.43 32.62
N HIS C 112 18.97 -15.19 32.46
CA HIS C 112 18.20 -15.63 33.62
C HIS C 112 19.01 -16.56 34.51
N LEU C 113 19.77 -17.48 33.90
CA LEU C 113 20.53 -18.44 34.69
C LEU C 113 21.69 -17.79 35.44
N HIS C 114 22.13 -16.61 35.01
CA HIS C 114 23.16 -15.90 35.77
C HIS C 114 22.57 -15.23 37.01
N THR C 115 21.36 -14.68 36.89
CA THR C 115 20.73 -14.01 38.03
C THR C 115 20.17 -15.01 39.04
N HIS C 116 19.65 -16.13 38.58
CA HIS C 116 19.07 -17.17 39.44
C HIS C 116 19.72 -18.50 39.09
N PRO C 117 20.97 -18.71 39.50
CA PRO C 117 21.67 -19.94 39.13
C PRO C 117 21.14 -21.13 39.91
N PRO C 118 21.05 -22.29 39.28
CA PRO C 118 20.71 -23.52 40.01
C PRO C 118 21.83 -23.90 40.95
N PRO C 119 21.59 -24.80 41.91
CA PRO C 119 22.64 -25.14 42.88
C PRO C 119 23.93 -25.64 42.25
N THR C 120 23.84 -26.42 41.18
CA THR C 120 25.03 -26.93 40.50
C THR C 120 25.29 -26.08 39.26
N PHE C 121 25.81 -24.87 39.48
CA PHE C 121 26.11 -23.94 38.41
C PHE C 121 27.57 -23.50 38.54
N GLN C 122 28.30 -23.56 37.42
CA GLN C 122 29.71 -23.17 37.40
C GLN C 122 30.00 -22.56 36.03
N SER C 123 29.97 -21.23 35.95
CA SER C 123 30.22 -20.53 34.69
C SER C 123 31.67 -20.68 34.26
N THR C 143 41.52 -6.55 31.15
CA THR C 143 40.87 -6.69 29.85
C THR C 143 39.55 -7.43 29.97
N ALA C 144 39.04 -7.53 31.20
CA ALA C 144 37.77 -8.19 31.42
C ALA C 144 36.62 -7.43 30.75
N ALA C 145 36.64 -6.10 30.85
CA ALA C 145 35.61 -5.30 30.19
C ALA C 145 35.69 -5.44 28.68
N SER C 146 36.91 -5.44 28.13
CA SER C 146 37.06 -5.64 26.69
C SER C 146 36.55 -7.02 26.27
N ALA C 147 36.81 -8.04 27.09
CA ALA C 147 36.31 -9.38 26.77
C ALA C 147 34.79 -9.42 26.76
N THR C 148 34.16 -8.77 27.74
CA THR C 148 32.69 -8.73 27.78
C THR C 148 32.13 -7.98 26.59
N ALA C 149 32.75 -6.85 26.23
CA ALA C 149 32.29 -6.10 25.06
C ALA C 149 32.44 -6.92 23.79
N ASP C 150 33.56 -7.63 23.65
CA ASP C 150 33.76 -8.48 22.47
C ASP C 150 32.72 -9.60 22.44
N GLY C 151 32.42 -10.20 23.59
CA GLY C 151 31.41 -11.23 23.63
C GLY C 151 30.05 -10.72 23.21
N THR C 152 29.65 -9.55 23.72
CA THR C 152 28.37 -8.97 23.32
C THR C 152 28.34 -8.66 21.83
N ALA C 153 29.41 -8.06 21.31
CA ALA C 153 29.46 -7.71 19.89
C ALA C 153 29.38 -8.95 19.02
N TYR C 154 30.11 -10.01 19.38
CA TYR C 154 30.10 -11.21 18.56
C TYR C 154 28.80 -11.98 18.70
N THR C 155 28.15 -11.93 19.86
CA THR C 155 26.82 -12.50 19.99
C THR C 155 25.84 -11.81 19.06
N ALA C 156 25.87 -10.47 19.04
CA ALA C 156 24.99 -9.74 18.15
C ALA C 156 25.30 -10.03 16.69
N PHE C 157 26.58 -10.07 16.34
CA PHE C 157 26.96 -10.36 14.96
C PHE C 157 26.53 -11.75 14.54
N LEU C 158 26.73 -12.74 15.40
CA LEU C 158 26.26 -14.09 15.10
C LEU C 158 24.76 -14.08 14.85
N SER C 159 23.97 -13.66 15.85
CA SER C 159 22.52 -13.70 15.73
C SER C 159 22.00 -12.84 14.60
N ALA C 160 22.78 -11.88 14.10
CA ALA C 160 22.31 -11.00 13.05
C ALA C 160 22.75 -11.40 11.65
N HIS C 161 23.89 -12.10 11.51
CA HIS C 161 24.41 -12.35 10.18
C HIS C 161 24.68 -13.83 9.91
N ALA C 162 25.06 -14.60 10.93
CA ALA C 162 25.27 -16.02 10.71
C ALA C 162 23.96 -16.75 10.51
N ALA C 163 22.89 -16.29 11.15
CA ALA C 163 21.58 -16.90 10.95
C ALA C 163 21.08 -16.78 9.52
N PRO C 164 21.17 -15.61 8.84
CA PRO C 164 20.82 -15.59 7.41
C PRO C 164 21.63 -16.55 6.56
N LEU C 165 22.92 -16.72 6.87
CA LEU C 165 23.73 -17.66 6.09
C LEU C 165 23.25 -19.09 6.28
N LEU C 166 22.96 -19.47 7.53
CA LEU C 166 22.45 -20.81 7.78
C LEU C 166 21.09 -21.02 7.13
N ALA C 167 20.24 -19.98 7.16
CA ALA C 167 18.95 -20.06 6.49
C ALA C 167 19.11 -20.25 4.99
N LEU C 168 20.06 -19.53 4.39
CA LEU C 168 20.33 -19.69 2.97
C LEU C 168 20.81 -21.11 2.66
N SER C 169 21.67 -21.65 3.54
CA SER C 169 22.23 -22.97 3.27
C SER C 169 21.18 -24.08 3.43
N LEU C 170 20.32 -23.97 4.43
CA LEU C 170 19.45 -25.08 4.81
C LEU C 170 17.99 -24.92 4.38
N TYR C 171 17.42 -23.72 4.47
CA TYR C 171 15.99 -23.51 4.25
C TYR C 171 15.68 -22.87 2.91
N VAL C 172 16.40 -21.80 2.56
CA VAL C 172 16.14 -21.12 1.28
C VAL C 172 16.46 -22.05 0.12
N SER C 173 17.57 -22.76 0.19
CA SER C 173 17.94 -23.72 -0.85
C SER C 173 16.91 -24.84 -0.93
N SER C 174 16.16 -24.90 -2.03
CA SER C 174 15.10 -25.89 -2.17
C SER C 174 15.67 -27.31 -2.19
N ALA C 175 16.79 -27.51 -2.87
CA ALA C 175 17.39 -28.84 -2.96
C ALA C 175 17.82 -29.32 -1.58
N ASN C 176 18.44 -28.46 -0.78
CA ASN C 176 18.88 -28.85 0.55
C ASN C 176 17.70 -29.05 1.49
N TYR C 177 16.70 -28.17 1.41
CA TYR C 177 15.56 -28.28 2.31
C TYR C 177 14.74 -29.53 2.03
N GLY C 178 14.53 -29.86 0.75
CA GLY C 178 13.73 -31.02 0.41
C GLY C 178 14.38 -32.36 0.62
N ALA C 179 15.69 -32.39 0.88
CA ALA C 179 16.44 -33.63 1.03
C ALA C 179 16.83 -33.94 2.46
N ALA C 180 17.22 -32.94 3.25
CA ALA C 180 17.67 -33.16 4.62
C ALA C 180 16.84 -32.40 5.63
N THR C 181 16.61 -31.11 5.42
CA THR C 181 15.98 -30.28 6.45
C THR C 181 14.54 -30.70 6.70
N ARG C 182 13.75 -30.89 5.64
CA ARG C 182 12.36 -31.30 5.82
C ARG C 182 12.23 -32.68 6.44
N PRO C 183 12.93 -33.71 5.99
CA PRO C 183 12.87 -34.98 6.72
C PRO C 183 13.33 -34.88 8.17
N ALA C 184 14.36 -34.07 8.43
CA ALA C 184 14.84 -33.91 9.80
C ALA C 184 13.77 -33.28 10.68
N TYR C 185 13.06 -32.27 10.15
CA TYR C 185 11.99 -31.65 10.92
C TYR C 185 10.80 -32.59 11.10
N SER C 186 10.49 -33.38 10.05
CA SER C 186 9.35 -34.28 10.15
C SER C 186 9.64 -35.50 11.01
N ALA C 187 10.90 -35.79 11.29
CA ALA C 187 11.26 -36.92 12.13
C ALA C 187 11.22 -36.61 13.62
N VAL C 188 10.97 -35.36 13.99
CA VAL C 188 10.98 -34.97 15.40
C VAL C 188 9.68 -34.29 15.77
N LEU C 189 8.60 -34.64 15.08
CA LEU C 189 7.28 -34.07 15.34
C LEU C 189 6.25 -35.18 15.30
N PRO C 190 5.12 -35.02 16.01
CA PRO C 190 4.02 -35.98 15.87
C PRO C 190 3.42 -35.97 14.48
N LEU C 191 2.48 -36.87 14.20
CA LEU C 191 2.10 -37.15 12.82
C LEU C 191 1.55 -35.94 12.07
N PRO C 192 0.54 -35.21 12.55
CA PRO C 192 -0.06 -34.17 11.71
C PRO C 192 0.66 -32.83 11.71
N LEU C 193 1.74 -32.70 12.47
CA LEU C 193 2.43 -31.41 12.61
C LEU C 193 3.36 -31.06 11.46
N PRO C 194 4.15 -31.99 10.87
CA PRO C 194 5.12 -31.60 9.84
C PRO C 194 4.52 -30.86 8.65
N TRP C 195 3.20 -30.82 8.54
CA TRP C 195 2.55 -30.08 7.47
C TRP C 195 2.21 -28.65 7.86
N THR C 196 2.47 -28.25 9.10
CA THR C 196 2.17 -26.90 9.55
C THR C 196 3.37 -26.16 10.12
N GLU C 197 4.19 -26.83 10.93
CA GLU C 197 5.29 -26.16 11.62
C GLU C 197 6.53 -25.98 10.73
N PRO C 198 6.99 -27.00 10.00
CA PRO C 198 8.14 -26.80 9.11
C PRO C 198 7.89 -25.74 8.06
N PRO C 199 6.69 -25.63 7.47
CA PRO C 199 6.46 -24.51 6.55
C PRO C 199 6.63 -23.16 7.20
N ALA C 200 6.12 -22.98 8.43
CA ALA C 200 6.29 -21.70 9.11
C ALA C 200 7.75 -21.43 9.43
N VAL C 201 8.48 -22.46 9.87
CA VAL C 201 9.90 -22.30 10.18
C VAL C 201 10.68 -21.92 8.93
N ARG C 202 10.40 -22.59 7.81
CA ARG C 202 11.10 -22.29 6.57
C ARG C 202 10.77 -20.88 6.08
N ALA C 203 9.51 -20.47 6.20
CA ALA C 203 9.15 -19.11 5.82
C ALA C 203 9.87 -18.08 6.68
N ALA C 204 9.95 -18.34 7.99
CA ALA C 204 10.65 -17.42 8.89
C ALA C 204 12.13 -17.33 8.53
N MET C 205 12.77 -18.47 8.25
CA MET C 205 14.18 -18.44 7.90
C MET C 205 14.41 -17.75 6.55
N ALA C 206 13.49 -17.94 5.60
CA ALA C 206 13.60 -17.25 4.32
C ALA C 206 13.46 -15.75 4.49
N ARG C 207 12.55 -15.33 5.36
CA ARG C 207 12.44 -13.90 5.68
C ARG C 207 13.72 -13.39 6.34
N ARG C 208 14.31 -14.22 7.21
CA ARG C 208 15.56 -13.83 7.86
C ARG C 208 16.69 -13.64 6.85
N ALA C 209 16.78 -14.54 5.87
CA ALA C 209 17.82 -14.48 4.86
C ALA C 209 17.43 -13.67 3.63
N ALA C 210 16.28 -13.00 3.67
CA ALA C 210 15.82 -12.25 2.50
C ALA C 210 16.76 -11.10 2.17
N HIS C 211 17.30 -10.44 3.20
CA HIS C 211 18.16 -9.29 2.98
C HIS C 211 19.46 -9.65 2.24
N LEU C 212 19.84 -10.92 2.25
CA LEU C 212 21.05 -11.34 1.56
C LEU C 212 20.97 -11.16 0.05
N GLY C 213 19.75 -11.09 -0.50
CA GLY C 213 19.57 -10.89 -1.92
C GLY C 213 19.71 -12.12 -2.77
N LEU C 214 19.89 -13.29 -2.18
CA LEU C 214 20.05 -14.54 -2.91
C LEU C 214 18.80 -15.39 -2.79
N SER C 215 18.59 -16.25 -3.79
CA SER C 215 17.40 -17.10 -3.81
C SER C 215 17.77 -18.57 -3.96
N SER C 216 16.76 -19.42 -4.16
CA SER C 216 17.01 -20.85 -4.32
C SER C 216 17.80 -21.14 -5.58
N LEU C 217 17.51 -20.40 -6.67
CA LEU C 217 18.24 -20.61 -7.91
C LEU C 217 19.72 -20.29 -7.76
N ASP C 218 20.04 -19.24 -7.00
CA ASP C 218 21.44 -18.91 -6.75
C ASP C 218 22.14 -20.01 -5.98
N ALA C 219 21.46 -20.60 -5.00
CA ALA C 219 22.06 -21.67 -4.20
C ALA C 219 22.17 -22.95 -5.02
N ASP C 220 23.33 -23.16 -5.63
CA ASP C 220 23.56 -24.34 -6.45
C ASP C 220 24.58 -25.26 -5.81
N THR C 272 27.72 -18.89 -18.62
CA THR C 272 26.87 -19.60 -17.69
C THR C 272 26.57 -18.74 -16.46
N PRO C 273 25.30 -18.37 -16.29
CA PRO C 273 24.92 -17.55 -15.13
C PRO C 273 25.10 -18.27 -13.80
N GLU C 274 25.18 -19.60 -13.81
CA GLU C 274 25.34 -20.34 -12.56
C GLU C 274 26.65 -20.00 -11.87
N GLN C 275 27.73 -19.88 -12.65
CA GLN C 275 29.02 -19.55 -12.04
C GLN C 275 29.02 -18.15 -11.43
N LYS C 276 28.18 -17.25 -11.94
CA LYS C 276 28.06 -15.93 -11.35
C LYS C 276 27.38 -16.00 -9.99
N SER C 277 26.42 -16.92 -9.83
CA SER C 277 25.75 -17.09 -8.54
C SER C 277 26.70 -17.67 -7.51
N ARG C 278 27.61 -18.55 -7.94
CA ARG C 278 28.57 -19.14 -7.00
C ARG C 278 29.48 -18.08 -6.40
N ILE C 279 29.83 -17.06 -7.19
CA ILE C 279 30.63 -15.96 -6.66
C ILE C 279 29.86 -15.23 -5.57
N ARG C 280 28.56 -14.99 -5.79
CA ARG C 280 27.75 -14.32 -4.77
C ARG C 280 27.66 -15.16 -3.50
N LEU C 281 27.48 -16.47 -3.65
CA LEU C 281 27.43 -17.35 -2.49
C LEU C 281 28.74 -17.31 -1.72
N GLU C 282 29.87 -17.38 -2.43
CA GLU C 282 31.16 -17.37 -1.77
C GLU C 282 31.40 -16.05 -1.06
N GLU C 283 31.03 -14.93 -1.69
CA GLU C 283 31.21 -13.64 -1.05
C GLU C 283 30.34 -13.52 0.20
N ALA C 284 29.09 -13.98 0.12
CA ALA C 284 28.21 -13.92 1.28
C ALA C 284 28.74 -14.77 2.43
N ALA C 285 29.23 -15.97 2.11
CA ALA C 285 29.82 -16.81 3.15
C ALA C 285 31.07 -16.17 3.75
N ARG C 286 31.92 -15.60 2.90
CA ARG C 286 33.16 -14.98 3.37
C ARG C 286 32.89 -13.80 4.28
N GLU C 287 31.88 -12.98 3.94
CA GLU C 287 31.60 -11.79 4.73
C GLU C 287 31.32 -12.12 6.19
N VAL C 288 30.82 -13.32 6.47
CA VAL C 288 30.55 -13.76 7.83
C VAL C 288 31.71 -14.56 8.40
N LEU C 289 32.29 -15.46 7.60
CA LEU C 289 33.31 -16.36 8.11
C LEU C 289 34.61 -15.63 8.43
N ASP C 290 34.96 -14.60 7.64
CA ASP C 290 36.16 -13.82 7.95
C ASP C 290 36.02 -13.10 9.28
N VAL C 291 34.84 -12.54 9.55
CA VAL C 291 34.61 -11.89 10.84
C VAL C 291 34.65 -12.92 11.96
N LEU C 292 34.04 -14.08 11.75
CA LEU C 292 34.03 -15.10 12.80
C LEU C 292 35.39 -15.74 13.02
N ALA C 293 36.32 -15.60 12.07
CA ALA C 293 37.60 -16.26 12.15
C ALA C 293 38.61 -15.55 13.04
N GLU C 294 38.35 -14.31 13.44
CA GLU C 294 39.29 -13.59 14.30
C GLU C 294 39.26 -14.07 15.74
N VAL C 295 38.21 -14.78 16.15
CA VAL C 295 38.06 -15.17 17.55
C VAL C 295 38.67 -16.56 17.75
N ASP C 296 39.33 -16.74 18.88
CA ASP C 296 39.88 -18.04 19.27
C ASP C 296 38.79 -18.82 19.98
N TRP C 297 37.87 -19.38 19.19
CA TRP C 297 36.77 -20.16 19.74
C TRP C 297 37.25 -21.40 20.47
N ALA C 298 38.44 -21.91 20.14
CA ALA C 298 38.98 -23.09 20.79
C ALA C 298 39.40 -22.82 22.23
N ALA C 299 39.41 -21.55 22.66
CA ALA C 299 39.84 -21.18 24.01
C ALA C 299 41.27 -21.62 24.29
N GLY C 300 42.11 -21.54 23.26
CA GLY C 300 43.51 -21.86 23.37
C GLY C 300 44.37 -20.63 23.55
N GLY C 301 45.63 -20.75 23.13
CA GLY C 301 46.56 -19.64 23.23
C GLY C 301 46.42 -18.68 22.05
N GLY C 302 46.48 -17.39 22.36
CA GLY C 302 46.41 -16.37 21.34
C GLY C 302 44.99 -16.09 20.88
N GLY C 303 44.87 -15.05 20.06
CA GLY C 303 43.58 -14.66 19.51
C GLY C 303 42.72 -13.95 20.54
N ARG C 304 41.51 -13.58 20.09
CA ARG C 304 40.56 -12.94 20.98
C ARG C 304 39.98 -13.95 21.96
N GLN C 305 39.39 -13.43 23.03
CA GLN C 305 38.77 -14.25 24.07
C GLN C 305 37.33 -13.81 24.24
N VAL C 306 36.41 -14.79 24.28
CA VAL C 306 34.99 -14.53 24.45
C VAL C 306 34.45 -15.44 25.53
N ALA C 307 33.25 -15.12 26.00
CA ALA C 307 32.65 -15.85 27.09
C ALA C 307 32.17 -17.23 26.62
N ALA C 308 31.86 -18.08 27.61
CA ALA C 308 31.38 -19.42 27.31
C ALA C 308 30.06 -19.37 26.55
N GLU C 309 29.19 -18.41 26.86
CA GLU C 309 27.94 -18.29 26.13
C GLU C 309 28.20 -17.97 24.66
N VAL C 310 29.14 -17.06 24.40
CA VAL C 310 29.46 -16.73 23.01
C VAL C 310 30.05 -17.92 22.29
N ARG C 311 30.93 -18.68 22.96
CA ARG C 311 31.50 -19.87 22.34
C ARG C 311 30.41 -20.88 22.02
N CYS C 312 29.45 -21.07 22.94
CA CYS C 312 28.36 -22.01 22.71
C CYS C 312 27.49 -21.57 21.54
N LEU C 313 27.19 -20.27 21.45
CA LEU C 313 26.39 -19.78 20.33
C LEU C 313 27.13 -19.94 19.01
N ALA C 314 28.43 -19.66 19.00
CA ALA C 314 29.22 -19.83 17.79
C ALA C 314 29.23 -21.28 17.35
N PHE C 315 29.41 -22.21 18.30
CA PHE C 315 29.34 -23.61 17.94
C PHE C 315 27.95 -23.99 17.43
N GLY C 316 26.90 -23.45 18.06
CA GLY C 316 25.56 -23.76 17.61
C GLY C 316 25.32 -23.37 16.17
N TYR C 317 25.81 -22.20 15.76
CA TYR C 317 25.63 -21.79 14.38
C TYR C 317 26.55 -22.57 13.44
N LEU C 318 27.83 -22.71 13.81
CA LEU C 318 28.78 -23.35 12.90
C LEU C 318 28.50 -24.84 12.72
N ALA C 319 27.94 -25.49 13.74
CA ALA C 319 27.65 -26.92 13.62
C ALA C 319 26.59 -27.19 12.56
N LEU C 320 25.49 -26.44 12.60
CA LEU C 320 24.49 -26.57 11.54
C LEU C 320 24.98 -26.02 10.21
N MET C 321 25.97 -25.11 10.22
CA MET C 321 26.50 -24.66 8.93
C MET C 321 27.49 -25.64 8.32
N LEU C 322 28.07 -26.54 9.11
CA LEU C 322 29.12 -27.43 8.62
C LEU C 322 28.72 -28.90 8.59
N LEU C 323 28.31 -29.46 9.73
CA LEU C 323 28.09 -30.90 9.80
C LEU C 323 27.03 -31.46 8.86
N PRO C 324 25.84 -30.87 8.71
CA PRO C 324 24.77 -31.54 7.95
C PRO C 324 25.20 -31.91 6.54
N ASP C 325 24.81 -33.11 6.12
CA ASP C 325 25.10 -33.61 4.78
C ASP C 325 23.95 -33.23 3.87
N VAL C 326 24.23 -32.40 2.86
CA VAL C 326 23.18 -31.85 2.00
C VAL C 326 23.55 -32.11 0.54
N PRO C 327 22.57 -32.16 -0.36
CA PRO C 327 22.92 -32.35 -1.79
C PRO C 327 23.78 -31.25 -2.38
N ARG C 328 23.73 -30.04 -1.83
CA ARG C 328 24.48 -28.89 -2.34
C ARG C 328 25.30 -28.32 -1.18
N PRO C 329 26.43 -28.96 -0.84
CA PRO C 329 27.23 -28.52 0.32
C PRO C 329 28.22 -27.41 -0.06
N TRP C 330 27.70 -26.30 -0.56
CA TRP C 330 28.56 -25.16 -0.88
C TRP C 330 29.15 -24.56 0.38
N LEU C 331 28.35 -24.44 1.44
CA LEU C 331 28.85 -23.85 2.68
C LEU C 331 29.87 -24.77 3.36
N ARG C 332 29.59 -26.06 3.39
CA ARG C 332 30.54 -26.99 4.00
C ARG C 332 31.86 -27.03 3.24
N GLU C 333 31.79 -27.02 1.91
CA GLU C 333 33.01 -27.00 1.11
C GLU C 333 33.81 -25.72 1.36
N ILE C 334 33.13 -24.58 1.41
CA ILE C 334 33.81 -23.31 1.66
C ILE C 334 34.48 -23.34 3.02
N MET C 335 33.75 -23.79 4.05
CA MET C 335 34.32 -23.85 5.40
C MET C 335 35.54 -24.77 5.43
N GLU C 336 35.40 -25.99 4.94
CA GLU C 336 36.52 -26.94 5.00
C GLU C 336 37.72 -26.43 4.22
N GLY C 337 37.49 -25.82 3.05
CA GLY C 337 38.60 -25.33 2.25
C GLY C 337 39.31 -24.15 2.86
N ARG C 338 38.56 -23.21 3.45
CA ARG C 338 39.12 -21.91 3.78
C ARG C 338 39.37 -21.67 5.26
N TYR C 339 38.65 -22.32 6.17
CA TYR C 339 38.75 -22.04 7.59
C TYR C 339 38.97 -23.35 8.35
N PRO C 340 40.14 -23.96 8.19
CA PRO C 340 40.44 -25.17 8.96
C PRO C 340 40.42 -24.95 10.46
N ALA C 341 40.76 -23.75 10.92
CA ALA C 341 40.68 -23.45 12.34
C ALA C 341 39.25 -23.58 12.85
N LEU C 342 38.30 -23.01 12.11
CA LEU C 342 36.90 -23.11 12.51
C LEU C 342 36.40 -24.54 12.41
N CYS C 343 36.80 -25.26 11.35
CA CYS C 343 36.38 -26.66 11.24
C CYS C 343 36.92 -27.49 12.41
N THR C 344 38.19 -27.28 12.78
CA THR C 344 38.78 -27.99 13.90
C THR C 344 38.09 -27.62 15.21
N PHE C 345 37.76 -26.34 15.39
CA PHE C 345 37.05 -25.93 16.60
C PHE C 345 35.71 -26.64 16.70
N VAL C 346 34.96 -26.67 15.60
CA VAL C 346 33.64 -27.30 15.61
C VAL C 346 33.77 -28.79 15.93
N ARG C 347 34.70 -29.47 15.25
CA ARG C 347 34.85 -30.90 15.46
C ARG C 347 35.28 -31.21 16.89
N ASP C 348 36.23 -30.45 17.43
CA ASP C 348 36.70 -30.69 18.79
C ASP C 348 35.60 -30.39 19.81
N PHE C 349 34.86 -29.30 19.62
CA PHE C 349 33.78 -28.98 20.54
C PHE C 349 32.71 -30.07 20.52
N ARG C 350 32.36 -30.56 19.34
CA ARG C 350 31.40 -31.65 19.26
C ARG C 350 31.91 -32.88 19.97
N ALA C 351 33.13 -33.33 19.64
CA ALA C 351 33.68 -34.54 20.22
C ALA C 351 33.88 -34.41 21.73
N ARG C 352 33.97 -33.19 22.25
CA ARG C 352 34.16 -33.01 23.68
C ARG C 352 32.84 -32.88 24.43
N VAL C 353 31.84 -32.24 23.84
CA VAL C 353 30.61 -31.90 24.54
C VAL C 353 29.51 -32.92 24.29
N PHE C 354 29.35 -33.41 23.05
CA PHE C 354 28.25 -34.28 22.69
C PHE C 354 28.77 -35.58 22.07
N PRO C 355 29.55 -36.37 22.81
CA PRO C 355 30.05 -37.62 22.24
C PRO C 355 28.92 -38.60 21.98
N GLN C 356 29.20 -39.58 21.12
CA GLN C 356 28.21 -40.47 20.51
C GLN C 356 26.91 -39.73 20.20
N GLY C 357 27.04 -38.65 19.43
CA GLY C 357 25.88 -37.93 18.95
C GLY C 357 25.08 -37.21 20.01
N GLY C 358 25.67 -36.96 21.17
CA GLY C 358 24.95 -36.30 22.24
C GLY C 358 23.76 -37.08 22.78
N LYS C 359 23.91 -38.39 22.95
CA LYS C 359 22.83 -39.22 23.49
C LYS C 359 22.88 -39.35 25.01
N LEU C 360 23.93 -38.83 25.65
CA LEU C 360 24.06 -38.90 27.10
C LEU C 360 23.41 -37.73 27.82
N LEU C 361 22.81 -36.79 27.07
CA LEU C 361 22.14 -35.67 27.69
C LEU C 361 20.91 -36.13 28.46
N PRO C 362 20.54 -35.43 29.53
CA PRO C 362 19.38 -35.84 30.34
C PRO C 362 18.05 -35.49 29.67
N TRP C 363 17.75 -36.18 28.57
CA TRP C 363 16.45 -36.05 27.93
C TRP C 363 15.36 -36.57 28.87
N ALA C 364 14.20 -35.93 28.82
CA ALA C 364 13.09 -36.33 29.66
C ALA C 364 12.61 -37.73 29.29
N ASP C 365 12.22 -38.50 30.32
CA ASP C 365 11.72 -39.87 30.15
C ASP C 365 12.77 -40.78 29.51
N GLY C 366 14.04 -40.46 29.68
CA GLY C 366 15.11 -41.34 29.26
C GLY C 366 15.42 -41.35 27.77
N GLY C 367 14.81 -40.47 27.00
CA GLY C 367 15.08 -40.43 25.57
C GLY C 367 14.51 -39.20 24.93
N ALA C 368 15.09 -38.83 23.78
CA ALA C 368 14.63 -37.65 23.06
C ALA C 368 13.21 -37.84 22.55
N GLN C 369 12.90 -39.01 22.00
CA GLN C 369 11.55 -39.26 21.50
C GLN C 369 10.54 -39.34 22.63
N ALA C 370 10.91 -39.98 23.74
CA ALA C 370 10.01 -40.08 24.88
C ALA C 370 9.80 -38.76 25.58
N SER C 371 10.72 -37.81 25.43
CA SER C 371 10.59 -36.52 26.09
C SER C 371 9.38 -35.75 25.54
N ALA C 372 9.16 -35.82 24.22
CA ALA C 372 8.05 -35.10 23.63
C ALA C 372 6.70 -35.73 23.94
N SER C 373 6.68 -36.98 24.38
CA SER C 373 5.42 -37.68 24.58
C SER C 373 4.57 -37.05 25.68
N ALA C 374 5.18 -36.34 26.63
CA ALA C 374 4.40 -35.74 27.71
C ALA C 374 3.44 -34.67 27.18
N SER C 375 3.90 -33.84 26.26
CA SER C 375 3.07 -32.78 25.70
C SER C 375 2.53 -33.12 24.31
N ALA C 376 2.69 -34.36 23.86
CA ALA C 376 2.22 -34.80 22.56
C ALA C 376 1.07 -35.78 22.68
N SER C 377 0.17 -35.55 23.63
CA SER C 377 -1.03 -36.36 23.74
C SER C 377 -1.94 -36.09 22.53
N ALA C 378 -2.93 -36.96 22.35
CA ALA C 378 -3.81 -36.84 21.19
C ALA C 378 -4.55 -35.51 21.19
N SER C 379 -5.13 -35.13 22.33
CA SER C 379 -5.87 -33.88 22.41
C SER C 379 -4.96 -32.67 22.20
N ALA C 380 -3.78 -32.69 22.80
CA ALA C 380 -2.86 -31.57 22.67
C ALA C 380 -2.39 -31.40 21.23
N VAL C 381 -2.03 -32.50 20.57
CA VAL C 381 -1.59 -32.43 19.19
C VAL C 381 -2.73 -31.97 18.29
N ALA C 382 -3.94 -32.47 18.54
CA ALA C 382 -5.09 -32.04 17.75
C ALA C 382 -5.33 -30.54 17.92
N LEU C 383 -5.24 -30.03 19.15
CA LEU C 383 -5.45 -28.61 19.39
C LEU C 383 -4.37 -27.77 18.70
N ARG C 384 -3.12 -28.21 18.77
CA ARG C 384 -2.04 -27.48 18.11
C ARG C 384 -2.25 -27.44 16.60
N PHE C 385 -2.59 -28.58 16.00
CA PHE C 385 -2.84 -28.63 14.57
C PHE C 385 -4.02 -27.75 14.19
N VAL C 386 -5.08 -27.78 14.99
CA VAL C 386 -6.26 -26.98 14.70
C VAL C 386 -5.93 -25.49 14.75
N ARG C 387 -5.17 -25.07 15.77
CA ARG C 387 -4.77 -23.67 15.86
C ARG C 387 -3.91 -23.27 14.68
N ALA C 388 -2.98 -24.15 14.27
CA ALA C 388 -2.19 -23.86 13.08
C ALA C 388 -3.07 -23.71 11.85
N VAL C 389 -4.12 -24.52 11.75
CA VAL C 389 -5.02 -24.43 10.60
C VAL C 389 -5.78 -23.10 10.61
N MET C 390 -6.39 -22.74 11.75
CA MET C 390 -7.12 -21.47 11.80
C MET C 390 -6.21 -20.27 11.63
N ALA C 391 -4.92 -20.42 11.92
CA ALA C 391 -3.99 -19.32 11.70
C ALA C 391 -3.83 -18.98 10.22
N GLU C 392 -4.20 -19.89 9.32
CA GLU C 392 -4.02 -19.69 7.89
C GLU C 392 -5.31 -19.28 7.18
N VAL C 393 -6.37 -18.99 7.93
CA VAL C 393 -7.63 -18.58 7.29
C VAL C 393 -7.42 -17.24 6.59
N PRO C 394 -7.85 -17.08 5.34
CA PRO C 394 -7.53 -15.84 4.60
C PRO C 394 -8.14 -14.59 5.21
N LEU C 395 -9.19 -14.70 6.00
CA LEU C 395 -9.90 -13.53 6.53
C LEU C 395 -9.70 -13.34 8.02
N VAL C 396 -10.01 -14.35 8.83
CA VAL C 396 -9.91 -14.23 10.29
C VAL C 396 -8.65 -14.88 10.82
N GLY C 397 -7.81 -15.45 9.95
CA GLY C 397 -6.61 -16.13 10.44
C GLY C 397 -5.65 -15.19 11.15
N GLU C 398 -5.41 -14.01 10.57
CA GLU C 398 -4.49 -13.06 11.21
C GLU C 398 -5.04 -12.54 12.52
N TRP C 399 -6.36 -12.30 12.59
CA TRP C 399 -6.95 -11.85 13.85
C TRP C 399 -6.87 -12.93 14.91
N TRP C 400 -7.12 -14.17 14.55
CA TRP C 400 -6.99 -15.27 15.50
C TRP C 400 -5.55 -15.41 15.97
N SER C 401 -4.59 -15.27 15.05
CA SER C 401 -3.18 -15.36 15.43
C SER C 401 -2.81 -14.24 16.39
N ARG C 402 -3.28 -13.03 16.13
CA ARG C 402 -2.99 -11.91 17.03
C ARG C 402 -3.61 -12.13 18.41
N TRP C 403 -4.85 -12.61 18.44
CA TRP C 403 -5.50 -12.87 19.73
C TRP C 403 -4.76 -13.95 20.51
N TRP C 404 -4.37 -15.03 19.83
CA TRP C 404 -3.64 -16.10 20.50
C TRP C 404 -2.27 -15.63 20.98
N THR C 405 -1.59 -14.83 20.16
CA THR C 405 -0.29 -14.30 20.57
C THR C 405 -0.42 -13.40 21.79
N ALA C 406 -1.44 -12.55 21.81
CA ALA C 406 -1.66 -11.69 22.98
C ALA C 406 -1.95 -12.52 24.22
N ARG C 407 -2.79 -13.55 24.07
CA ARG C 407 -3.11 -14.40 25.22
C ARG C 407 -1.87 -15.10 25.75
N LYS C 408 -1.03 -15.64 24.86
CA LYS C 408 0.17 -16.33 25.29
C LYS C 408 1.18 -15.36 25.89
N LYS C 409 1.28 -14.15 25.35
CA LYS C 409 2.16 -13.14 25.94
C LYS C 409 1.71 -12.78 27.34
N ARG C 410 0.40 -12.64 27.55
CA ARG C 410 -0.11 -12.38 28.89
C ARG C 410 0.21 -13.53 29.83
N GLU C 411 0.06 -14.76 29.34
CA GLU C 411 0.39 -15.92 30.18
C GLU C 411 1.87 -15.94 30.56
N VAL C 412 2.75 -15.63 29.60
CA VAL C 412 4.18 -15.62 29.87
C VAL C 412 4.53 -14.52 30.87
N LEU C 413 3.94 -13.34 30.71
CA LEU C 413 4.19 -12.26 31.65
C LEU C 413 3.70 -12.60 33.05
N ALA C 414 2.53 -13.22 33.14
CA ALA C 414 2.01 -13.63 34.44
C ALA C 414 2.92 -14.66 35.09
N SER C 415 3.44 -15.60 34.30
CA SER C 415 4.41 -16.57 34.82
C SER C 415 5.66 -15.86 35.31
N LYS C 416 6.14 -14.87 34.55
CA LYS C 416 7.32 -14.12 34.96
C LYS C 416 7.09 -13.38 36.27
N GLY C 417 5.87 -12.91 36.49
CA GLY C 417 5.53 -12.21 37.72
C GLY C 417 4.94 -10.83 37.52
N ALA C 418 4.79 -10.35 36.29
CA ALA C 418 4.18 -9.05 36.07
C ALA C 418 2.68 -9.12 36.35
N LYS C 419 2.00 -7.98 36.20
CA LYS C 419 0.57 -7.87 36.43
C LYS C 419 -0.07 -7.26 35.18
N PRO C 420 -0.28 -8.06 34.14
CA PRO C 420 -0.89 -7.53 32.92
C PRO C 420 -2.33 -7.12 33.15
N ALA C 421 -2.77 -6.17 32.34
CA ALA C 421 -4.14 -5.68 32.45
C ALA C 421 -5.12 -6.82 32.15
N PRO C 422 -6.25 -6.87 32.85
CA PRO C 422 -7.22 -7.95 32.60
C PRO C 422 -7.70 -7.93 31.15
N SER C 423 -7.87 -9.11 30.58
CA SER C 423 -8.27 -9.23 29.19
C SER C 423 -9.72 -8.80 29.01
N ASN C 424 -10.01 -8.25 27.83
CA ASN C 424 -11.37 -7.86 27.44
C ASN C 424 -12.03 -8.91 26.57
N ASP C 425 -11.71 -10.20 26.79
CA ASP C 425 -12.27 -11.26 25.96
C ASP C 425 -13.77 -11.39 26.15
N LEU C 426 -14.28 -11.17 27.36
CA LEU C 426 -15.72 -11.26 27.60
C LEU C 426 -16.47 -10.21 26.80
N LEU C 427 -15.95 -8.98 26.76
CA LEU C 427 -16.61 -7.92 26.00
C LEU C 427 -16.66 -8.25 24.51
N LEU C 428 -15.53 -8.71 23.96
CA LEU C 428 -15.49 -9.08 22.55
C LEU C 428 -16.43 -10.24 22.27
N LEU C 429 -16.47 -11.23 23.16
CA LEU C 429 -17.35 -12.38 22.96
C LEU C 429 -18.81 -11.97 22.97
N LEU C 430 -19.21 -11.11 23.92
CA LEU C 430 -20.60 -10.68 23.98
C LEU C 430 -20.95 -9.80 22.80
N GLY C 431 -20.03 -8.96 22.34
CA GLY C 431 -20.30 -8.16 21.16
C GLY C 431 -20.46 -9.01 19.91
N ALA C 432 -19.59 -10.01 19.74
CA ALA C 432 -19.73 -10.91 18.61
C ALA C 432 -21.03 -11.70 18.68
N GLY C 433 -21.41 -12.14 19.88
CA GLY C 433 -22.68 -12.85 20.02
C GLY C 433 -23.87 -11.96 19.70
N LEU C 434 -23.83 -10.71 20.14
CA LEU C 434 -24.90 -9.77 19.82
C LEU C 434 -24.99 -9.53 18.31
N GLY C 435 -23.85 -9.35 17.66
CA GLY C 435 -23.85 -9.18 16.21
C GLY C 435 -24.38 -10.40 15.48
N LEU C 436 -23.99 -11.60 15.94
CA LEU C 436 -24.48 -12.82 15.32
C LEU C 436 -25.98 -12.96 15.51
N THR C 437 -26.50 -12.63 16.70
CA THR C 437 -27.93 -12.70 16.94
C THR C 437 -28.68 -11.69 16.07
N VAL C 438 -28.13 -10.49 15.89
CA VAL C 438 -28.75 -9.50 15.04
C VAL C 438 -28.80 -9.99 13.60
N VAL C 439 -27.69 -10.57 13.11
CA VAL C 439 -27.65 -11.09 11.75
C VAL C 439 -28.65 -12.23 11.59
N GLY C 440 -28.73 -13.12 12.57
CA GLY C 440 -29.69 -14.21 12.51
C GLY C 440 -31.13 -13.73 12.51
N ALA C 441 -31.43 -12.73 13.34
CA ALA C 441 -32.78 -12.16 13.36
C ALA C 441 -33.12 -11.52 12.02
N GLY C 442 -32.17 -10.79 11.43
CA GLY C 442 -32.42 -10.19 10.13
C GLY C 442 -32.65 -11.24 9.04
N VAL C 443 -31.82 -12.28 9.02
CA VAL C 443 -31.98 -13.31 8.00
C VAL C 443 -33.26 -14.11 8.23
N PHE C 444 -33.70 -14.24 9.48
CA PHE C 444 -34.96 -14.93 9.75
C PHE C 444 -36.15 -14.07 9.33
N PHE C 445 -36.06 -12.76 9.54
CA PHE C 445 -37.10 -11.86 9.07
C PHE C 445 -37.18 -11.88 7.54
N TYR C 446 -36.03 -11.89 6.86
CA TYR C 446 -36.04 -11.93 5.41
C TYR C 446 -36.55 -13.26 4.88
N ARG C 447 -36.06 -14.37 5.43
CA ARG C 447 -36.49 -15.68 4.98
C ARG C 447 -37.90 -15.97 5.44
N GLY C 448 -38.73 -16.49 4.54
CA GLY C 448 -40.12 -16.75 4.85
C GLY C 448 -41.02 -15.54 4.75
N LEU C 449 -40.48 -14.38 4.42
CA LEU C 449 -41.30 -13.20 4.22
C LEU C 449 -42.21 -13.41 3.02
N PRO C 450 -43.51 -13.14 3.14
CA PRO C 450 -44.39 -13.30 1.98
C PRO C 450 -43.92 -12.40 0.84
N PRO C 451 -44.13 -12.83 -0.41
CA PRO C 451 -43.65 -12.03 -1.54
C PRO C 451 -44.26 -10.63 -1.54
N PHE C 452 -43.44 -9.66 -1.93
CA PHE C 452 -43.85 -8.27 -1.85
C PHE C 452 -44.95 -7.92 -2.85
N GLY C 453 -45.18 -8.77 -3.85
CA GLY C 453 -46.21 -8.51 -4.83
C GLY C 453 -46.99 -9.76 -5.17
N GLU C 454 -48.01 -9.58 -6.00
CA GLU C 454 -48.82 -10.67 -6.50
C GLU C 454 -48.52 -10.93 -7.97
N ALA C 455 -48.85 -12.14 -8.41
CA ALA C 455 -48.62 -12.50 -9.81
C ALA C 455 -49.45 -11.63 -10.74
N VAL C 456 -50.70 -11.37 -10.38
CA VAL C 456 -51.58 -10.48 -11.14
C VAL C 456 -51.85 -9.24 -10.29
N GLN C 457 -51.87 -8.08 -10.94
CA GLN C 457 -52.10 -6.81 -10.26
C GLN C 457 -53.06 -5.99 -11.09
N VAL C 458 -54.18 -5.58 -10.49
CA VAL C 458 -55.28 -4.96 -11.21
C VAL C 458 -55.70 -3.68 -10.50
N TRP C 459 -56.03 -2.66 -11.30
CA TRP C 459 -56.51 -1.37 -10.79
C TRP C 459 -57.82 -1.05 -11.49
N ARG C 460 -58.86 -0.79 -10.70
CA ARG C 460 -60.19 -0.53 -11.25
C ARG C 460 -60.29 0.90 -11.79
N LYS C 461 -61.42 1.17 -12.42
CA LYS C 461 -61.71 2.52 -12.89
C LYS C 461 -61.93 3.45 -11.71
N PRO C 462 -61.60 4.73 -11.83
CA PRO C 462 -61.83 5.65 -10.71
C PRO C 462 -63.31 5.80 -10.41
N VAL C 463 -63.61 6.01 -9.13
CA VAL C 463 -64.99 6.18 -8.68
C VAL C 463 -65.36 7.65 -8.62
C1 ERG D . 2.20 27.04 -39.16
C2 ERG D . 3.40 27.86 -38.68
C3 ERG D . 3.52 29.12 -39.50
C4 ERG D . 2.25 29.96 -39.33
C5 ERG D . 1.01 29.20 -39.66
C6 ERG D . -0.01 29.78 -40.31
C7 ERG D . -1.25 29.09 -40.60
C8 ERG D . -1.37 27.78 -40.42
C9 ERG D . -0.16 26.98 -39.97
C10 ERG D . 0.85 27.79 -39.12
C11 ERG D . -0.54 25.65 -39.29
C12 ERG D . -1.72 24.90 -39.92
C13 ERG D . -2.94 25.81 -40.05
C14 ERG D . -2.52 26.98 -40.94
C15 ERG D . -3.83 27.68 -41.29
C16 ERG D . -4.84 26.52 -41.40
C17 ERG D . -4.12 25.25 -40.87
C18 ERG D . -3.43 26.30 -38.68
C19 ERG D . 0.38 27.96 -37.67
C20 ERG D . -5.10 24.25 -40.22
C21 ERG D . -5.37 23.01 -41.08
C22 ERG D . -6.40 24.92 -39.90
C23 ERG D . -7.61 24.40 -40.12
C24 ERG D . -8.91 25.06 -39.82
C25 ERG D . -9.97 24.77 -40.91
C26 ERG D . -9.87 23.35 -41.45
C27 ERG D . -11.39 25.04 -40.42
C28 ERG D . -9.38 24.61 -38.42
O1 ERG D . 4.67 29.82 -39.08
C1 ERG E . -15.55 31.51 -6.36
C2 ERG E . -15.80 30.17 -7.03
C3 ERG E . -15.77 30.32 -8.54
C4 ERG E . -14.40 30.85 -8.95
C5 ERG E . -14.04 32.12 -8.24
C6 ERG E . -13.48 33.14 -8.90
C7 ERG E . -12.95 34.30 -8.22
C8 ERG E . -13.23 34.54 -6.93
C9 ERG E . -14.20 33.62 -6.19
C10 ERG E . -14.22 32.17 -6.73
C11 ERG E . -13.99 33.68 -4.67
C12 ERG E . -13.72 35.05 -4.09
C13 ERG E . -12.55 35.75 -4.79
C14 ERG E . -12.94 35.84 -6.28
C15 ERG E . -11.89 36.76 -6.88
C16 ERG E . -11.61 37.78 -5.76
C17 ERG E . -12.36 37.26 -4.50
C18 ERG E . -11.25 34.96 -4.61
C19 ERG E . -13.06 31.33 -6.14
C20 ERG E . -11.73 37.73 -3.18
C21 ERG E . -12.42 38.97 -2.58
C22 ERG E . -10.22 37.88 -3.28
C23 ERG E . -9.37 38.89 -3.50
C24 ERG E . -9.58 40.37 -3.76
C25 ERG E . -8.64 41.20 -2.88
C26 ERG E . -8.76 42.70 -3.16
C27 ERG E . -8.87 40.93 -1.39
C28 ERG E . -9.37 40.64 -5.25
O1 ERG E . -16.04 29.07 -9.14
C1 ERG F . -32.61 23.51 -11.71
C2 ERG F . -34.04 23.72 -12.18
C3 ERG F . -34.94 22.61 -11.65
C4 ERG F . -34.90 22.62 -10.13
C5 ERG F . -33.50 22.53 -9.58
C6 ERG F . -33.24 21.81 -8.48
C7 ERG F . -31.91 21.79 -7.88
C8 ERG F . -30.85 22.31 -8.49
C9 ERG F . -31.01 22.89 -9.89
C10 ERG F . -32.44 23.43 -10.18
C11 ERG F . -29.93 23.92 -10.25
C12 ERG F . -28.53 23.64 -9.70
C13 ERG F . -28.55 23.37 -8.19
C14 ERG F . -29.45 22.14 -8.01
C15 ERG F . -29.21 21.70 -6.58
C16 ERG F . -27.72 22.01 -6.35
C17 ERG F . -27.23 22.86 -7.56
C18 ERG F . -29.08 24.57 -7.41
C19 ERG F . -32.67 24.82 -9.56
C20 ERG F . -26.16 23.87 -7.13
C21 ERG F . -25.43 24.55 -8.28
C22 ERG F . -25.16 23.17 -6.26
C23 ERG F . -23.91 22.87 -6.61
C24 ERG F . -22.89 22.17 -5.76
C25 ERG F . -21.54 22.88 -5.84
C26 ERG F . -20.50 22.24 -4.92
C27 ERG F . -21.00 22.89 -7.27
C28 ERG F . -23.43 22.09 -4.33
O1 ERG F . -36.24 22.82 -12.14
C1 ERG G . -7.00 28.98 -28.16
C2 ERG G . -7.71 27.63 -28.06
C3 ERG G . -9.11 27.78 -27.51
C4 ERG G . -9.90 28.82 -28.31
C5 ERG G . -9.16 30.11 -28.53
C6 ERG G . -9.81 31.28 -28.57
C7 ERG G . -9.16 32.52 -28.98
C8 ERG G . -7.86 32.57 -29.23
C9 ERG G . -6.98 31.36 -28.95
C10 ERG G . -7.74 30.01 -29.02
C11 ERG G . -5.73 31.33 -29.84
C12 ERG G . -5.08 32.67 -30.16
C13 ERG G . -6.08 33.72 -30.66
C14 ERG G . -7.13 33.85 -29.55
C15 ERG G . -7.93 35.09 -29.91
C16 ERG G . -6.89 36.02 -30.54
C17 ERG G . -5.58 35.19 -30.71
C18 ERG G . -6.76 33.27 -31.97
C19 ERG G . -7.86 29.52 -30.48
C20 ERG G . -4.72 35.77 -31.86
C21 ERG G . -5.49 36.29 -33.09
C22 ERG G . -3.64 34.82 -32.30
C23 ERG G . -2.31 34.93 -32.23
C24 ERG G . -1.45 36.04 -31.67
C25 ERG G . -1.61 37.37 -32.44
C26 ERG G . -0.82 38.52 -31.81
C27 ERG G . -1.21 37.23 -33.90
C28 ERG G . -1.69 36.20 -30.16
O1 ERG G . -9.73 26.51 -27.58
C1 ERG H . -3.07 33.55 -35.71
C2 ERG H . -2.17 34.62 -36.31
C3 ERG H . -1.16 33.99 -37.25
C4 ERG H . -1.90 33.29 -38.38
C5 ERG H . -2.91 32.29 -37.88
C6 ERG H . -3.11 31.13 -38.52
C7 ERG H . -4.11 30.16 -38.09
C8 ERG H . -4.74 30.30 -36.93
C9 ERG H . -4.38 31.44 -36.00
C10 ERG H . -3.83 32.70 -36.74
C11 ERG H . -5.51 31.81 -35.03
C12 ERG H . -6.32 30.63 -34.48
C13 ERG H . -6.86 29.73 -35.61
C14 ERG H . -5.60 29.23 -36.35
C15 ERG H . -6.13 28.12 -37.24
C16 ERG H . -7.17 27.43 -36.36
C17 ERG H . -7.51 28.40 -35.18
C18 ERG H . -7.78 30.51 -36.56
C19 ERG H . -4.95 33.53 -37.38
C20 ERG H . -9.01 28.36 -34.89
C21 ERG H . -9.46 29.13 -33.64
C22 ERG H . -9.45 26.93 -34.73
C23 ERG H . -9.14 26.14 -33.71
C24 ERG H . -9.58 24.72 -33.55
C25 ERG H . -10.59 24.60 -32.39
C26 ERG H . -10.16 25.40 -31.17
C27 ERG H . -11.97 25.09 -32.84
C28 ERG H . -10.15 24.24 -34.88
O1 ERG H . -0.30 35.00 -37.73
C1 ERG I . -21.73 22.85 -35.84
C2 ERG I . -20.24 23.09 -36.07
C3 ERG I . -20.03 24.42 -36.77
C4 ERG I . -20.58 25.53 -35.89
C5 ERG I . -22.01 25.32 -35.49
C6 ERG I . -22.87 26.34 -35.40
C7 ERG I . -24.22 26.18 -34.91
C8 ERG I . -24.76 24.96 -34.76
C9 ERG I . -23.96 23.73 -35.09
C10 ERG I . -22.42 23.94 -34.99
C11 ERG I . -24.44 22.50 -34.31
C12 ERG I . -25.95 22.36 -34.16
C13 ERG I . -26.59 23.63 -33.60
C14 ERG I . -26.22 24.75 -34.59
C15 ERG I . -27.11 25.93 -34.18
C16 ERG I . -28.41 25.24 -33.72
C17 ERG I . -28.13 23.72 -33.64
C18 ERG I . -26.08 23.93 -32.19
C19 ERG I . -21.92 23.86 -33.53
C20 ERG I . -28.95 23.07 -32.50
C21 ERG I . -29.08 21.55 -32.63
C22 ERG I . -30.32 23.68 -32.47
C23 ERG I . -31.47 23.02 -32.41
C24 ERG I . -32.84 23.63 -32.37
C25 ERG I . -33.54 23.34 -31.04
C26 ERG I . -33.16 21.99 -30.43
C27 ERG I . -33.31 24.44 -30.00
C28 ERG I . -32.71 25.13 -32.67
O1 ERG I . -18.65 24.59 -37.03
C1 ERG J . -24.65 30.26 -31.92
C2 ERG J . -23.13 30.37 -31.94
C3 ERG J . -22.55 29.40 -32.94
C4 ERG J . -23.08 29.74 -34.32
C5 ERG J . -24.59 29.76 -34.38
C6 ERG J . -25.24 29.34 -35.46
C7 ERG J . -26.70 29.29 -35.54
C8 ERG J . -27.45 29.62 -34.48
C9 ERG J . -26.80 29.96 -33.16
C10 ERG J . -25.34 30.48 -33.28
C11 ERG J . -27.66 30.89 -32.29
C12 ERG J . -29.17 30.62 -32.34
C13 ERG J . -29.70 30.57 -33.77
C14 ERG J . -28.93 29.44 -34.46
C15 ERG J . -29.68 29.18 -35.75
C16 ERG J . -31.15 29.42 -35.37
C17 ERG J . -31.16 30.07 -33.95
C18 ERG J . -29.51 31.90 -34.50
C19 ERG J . -25.29 31.98 -33.66
C20 ERG J . -32.33 31.07 -33.83
C21 ERG J . -32.56 31.61 -32.42
C22 ERG J . -33.59 30.39 -34.29
C23 ERG J . -34.76 30.39 -33.65
C24 ERG J . -36.02 29.72 -34.11
C25 ERG J . -36.65 28.87 -33.00
C26 ERG J . -36.45 29.49 -31.61
C27 ERG J . -38.13 28.62 -33.23
C28 ERG J . -36.96 30.79 -34.67
O1 ERG J . -21.14 29.47 -32.89
C1 ERG K . -27.42 28.04 -29.69
C2 ERG K . -28.75 28.60 -29.24
C3 ERG K . -29.69 27.45 -28.90
C4 ERG K . -29.09 26.64 -27.76
C5 ERG K . -27.70 26.16 -28.05
C6 ERG K . -27.29 24.95 -27.65
C7 ERG K . -25.93 24.49 -27.85
C8 ERG K . -25.09 25.14 -28.66
C9 ERG K . -25.58 26.35 -29.40
C10 ERG K . -26.71 27.13 -28.66
C11 ERG K . -24.43 27.28 -29.85
C12 ERG K . -23.21 26.54 -30.40
C13 ERG K . -22.66 25.51 -29.42
C14 ERG K . -23.83 24.52 -29.17
C15 ERG K . -23.19 23.38 -28.40
C16 ERG K . -21.79 23.27 -29.04
C17 ERG K . -21.60 24.50 -29.96
C18 ERG K . -22.24 26.16 -28.10
C19 ERG K . -26.17 27.98 -27.50
C20 ERG K . -20.09 24.82 -30.11
C21 ERG K . -19.24 24.67 -28.86
C22 ERG K . -19.88 26.19 -30.72
C23 ERG K . -18.99 26.61 -31.62
C24 ERG K . -17.87 25.89 -32.35
C25 ERG K . -16.70 25.55 -31.41
C26 ERG K . -15.53 24.92 -32.16
C27 ERG K . -16.19 26.80 -30.69
C28 ERG K . -18.38 24.66 -33.12
O1 ERG K . -30.95 27.99 -28.56
C1 ERG L . -3.99 -30.15 3.84
C2 ERG L . -3.83 -28.64 3.84
C3 ERG L . -3.81 -28.10 5.25
C4 ERG L . -2.63 -28.73 5.98
C5 ERG L . -2.67 -30.22 5.96
C6 ERG L . -2.34 -30.94 7.03
C7 ERG L . -2.33 -32.39 7.05
C8 ERG L . -2.81 -33.09 6.01
C9 ERG L . -3.44 -32.37 4.84
C10 ERG L . -2.93 -30.91 4.63
C11 ERG L . -3.37 -33.21 3.54
C12 ERG L . -3.59 -34.71 3.71
C13 ERG L . -2.70 -35.31 4.79
C14 ERG L . -3.04 -34.56 6.09
C15 ERG L . -2.37 -35.36 7.20
C16 ERG L . -2.58 -36.82 6.72
C17 ERG L . -3.01 -36.77 5.23
C18 ERG L . -1.21 -35.17 4.43
C19 ERG L . -1.58 -30.87 3.87
C20 ERG L . -2.43 -37.93 4.42
C21 ERG L . -3.47 -39.00 4.05
C22 ERG L . -1.31 -38.59 5.19
C23 ERG L . -1.23 -39.89 5.47
C24 ERG L . -0.11 -40.54 6.25
C25 ERG L . -0.68 -41.50 7.31
C26 ERG L . -1.92 -42.24 6.84
C27 ERG L . 0.37 -42.51 7.77
C28 ERG L . 0.83 -41.23 5.26
O1 ERG L . -3.70 -26.70 5.22
C1 ERG M . -3.20 -42.19 10.30
C2 ERG M . -2.64 -43.40 11.02
C3 ERG M . -1.55 -42.98 11.99
C4 ERG M . -2.15 -42.03 13.02
C5 ERG M . -2.83 -40.84 12.39
C6 ERG M . -2.73 -39.63 12.94
C7 ERG M . -3.40 -38.48 12.38
C8 ERG M . -4.01 -38.53 11.19
C9 ERG M . -3.94 -39.80 10.38
C10 ERG M . -3.76 -41.09 11.23
C11 ERG M . -5.08 -39.91 9.35
C12 ERG M . -5.47 -38.60 8.65
C13 ERG M . -5.76 -37.49 9.65
C14 ERG M . -4.47 -37.31 10.47
C15 ERG M . -4.68 -36.02 11.25
C16 ERG M . -5.51 -35.16 10.27
C17 ERG M . -5.92 -36.06 9.08
C18 ERG M . -6.95 -37.84 10.56
C19 ERG M . -5.10 -41.55 11.84
C20 ERG M . -7.29 -35.64 8.52
C21 ERG M . -7.48 -35.99 7.04
C22 ERG M . -7.46 -34.16 8.71
C23 ERG M . -7.84 -33.28 7.81
C24 ERG M . -7.99 -31.80 8.06
C25 ERG M . -7.33 -30.97 6.94
C26 ERG M . -7.53 -31.59 5.56
C27 ERG M . -7.84 -29.53 6.94
C28 ERG M . -9.47 -31.48 8.26
O1 ERG M . -1.00 -44.13 12.59
C1 ERG N . -10.63 -33.75 14.24
C2 ERG N . -11.58 -32.95 13.37
C3 ERG N . -10.92 -31.65 12.92
C4 ERG N . -9.67 -32.01 12.12
C5 ERG N . -8.72 -32.89 12.88
C6 ERG N . -7.40 -32.73 12.78
C7 ERG N . -6.45 -33.62 13.42
C8 ERG N . -6.86 -34.52 14.32
C9 ERG N . -8.32 -34.61 14.70
C10 ERG N . -9.29 -34.10 13.58
C11 ERG N . -8.71 -36.01 15.23
C12 ERG N . -7.67 -36.68 16.13
C13 ERG N . -6.30 -36.72 15.48
C14 ERG N . -5.92 -35.26 15.21
C15 ERG N . -4.44 -35.29 14.86
C16 ERG N . -3.89 -36.39 15.79
C17 ERG N . -5.11 -37.16 16.37
C18 ERG N . -6.31 -37.54 14.18
C19 ERG N . -9.50 -35.17 12.48
C20 ERG N . -4.76 -38.66 16.48
C21 ERG N . -5.72 -39.45 17.37
C22 ERG N . -3.36 -38.78 17.02
C23 ERG N . -3.00 -39.39 18.15
C24 ERG N . -1.59 -39.51 18.66
C25 ERG N . -1.14 -40.97 18.74
C26 ERG N . 0.29 -41.11 19.26
C27 ERG N . -2.08 -41.80 19.60
C28 ERG N . -0.66 -38.65 17.79
O1 ERG N . -11.83 -30.92 12.15
C1 ERG O . -4.92 -21.30 2.62
C2 ERG O . -3.74 -21.12 1.67
C3 ERG O . -2.75 -22.25 1.85
C4 ERG O . -3.44 -23.57 1.55
C5 ERG O . -4.68 -23.79 2.37
C6 ERG O . -4.99 -25.00 2.84
C7 ERG O . -6.20 -25.26 3.59
C8 ERG O . -6.98 -24.25 4.02
C9 ERG O . -6.56 -22.82 3.76
C10 ERG O . -5.66 -22.65 2.49
C11 ERG O . -7.75 -21.83 3.75
C12 ERG O . -8.83 -22.11 4.80
C13 ERG O . -9.33 -23.56 4.75
C14 ERG O . -8.09 -24.44 5.00
C15 ERG O . -8.65 -25.83 5.24
C16 ERG O . -9.95 -25.54 6.02
C17 ERG O . -10.24 -24.02 5.92
C18 ERG O . -9.97 -23.89 3.41
C19 ERG O . -6.48 -22.66 1.19
C20 ERG O . -11.75 -23.77 5.84
C21 ERG O . -12.18 -22.30 5.89
C22 ERG O . -12.41 -24.49 6.99
C23 ERG O . -13.38 -24.00 7.75
C24 ERG O . -14.04 -24.71 8.90
C25 ERG O . -14.19 -23.79 10.13
C26 ERG O . -14.86 -24.50 11.31
C27 ERG O . -12.85 -23.23 10.56
C28 ERG O . -15.38 -25.26 8.42
O1 ERG O . -1.65 -22.02 1.00
#